data_8UCB
#
_entry.id   8UCB
#
_cell.length_a   136.620
_cell.length_b   140.850
_cell.length_c   87.530
_cell.angle_alpha   90.000
_cell.angle_beta   125.700
_cell.angle_gamma   90.000
#
_symmetry.space_group_name_H-M   'C 1 2 1'
#
loop_
_entity.id
_entity.type
_entity.pdbx_description
1 polymer 'Interleukin-1 receptor-associated kinase 4'
2 non-polymer 6-(difluoromethyl)-N-[(4R)-7-ethoxy-2-{[(3R)-oxolan-3-yl]methyl}imidazo[1,2-a]pyridin-6-yl]pyridine-2-carboxamide
3 water water
#
_entity_poly.entity_id   1
_entity_poly.type   'polypeptide(L)'
_entity_poly.pdbx_seq_one_letter_code
;ENKSLEVSDTRFHSFSFYELKNVTNNFDERPISVGGNKMGEGGFGVVYKGYVNNTTVAVKKLAAMVDITTEELKQQFDQE
IKVMAKCQHENLVELLGFSSDGDDLCLVYVYMPNGSLLDRLSCLDGTPPLSWHMRCKIAQGAANGINFLHENHHIHRDIK
SANILLDEAFTAKISDFGLARASEKFAQ(TPO)VM(TPO)(SEP)RIVGTTAYMAPEALRGEITPKSDIYSFGVVLLEII
TGLPAVDEHREPQLLLDIKEEIEDEEKTIEDYIDKKMNDADSTSVEAMYSVASQCLHEKKNKRPDIKKVQQLLQEMTAS
;
_entity_poly.pdbx_strand_id   A,B,C,D
#
loop_
_chem_comp.id
_chem_comp.type
_chem_comp.name
_chem_comp.formula
X1T non-polymer 6-(difluoromethyl)-N-[(4R)-7-ethoxy-2-{[(3R)-oxolan-3-yl]methyl}imidazo[1,2-a]pyridin-6-yl]pyridine-2-carboxamide 'C21 H22 F2 N4 O3'
#
# COMPACT_ATOMS: atom_id res chain seq x y z
N ARG A 11 9.59 4.52 -46.23
CA ARG A 11 8.52 3.82 -45.52
C ARG A 11 8.15 4.57 -44.24
N PHE A 12 8.93 5.60 -43.92
CA PHE A 12 8.64 6.46 -42.79
C PHE A 12 7.64 7.54 -43.20
N HIS A 13 7.34 8.44 -42.28
CA HIS A 13 6.40 9.53 -42.54
C HIS A 13 7.14 10.85 -42.48
N SER A 14 7.00 11.65 -43.54
CA SER A 14 7.66 12.94 -43.60
C SER A 14 6.83 13.97 -42.83
N PHE A 15 7.35 14.42 -41.70
CA PHE A 15 6.75 15.50 -40.94
C PHE A 15 7.43 16.81 -41.29
N SER A 16 6.64 17.89 -41.30
CA SER A 16 7.21 19.22 -41.32
C SER A 16 7.41 19.70 -39.89
N PHE A 17 8.37 20.60 -39.71
CA PHE A 17 8.72 21.04 -38.35
C PHE A 17 7.53 21.67 -37.64
N TYR A 18 6.66 22.38 -38.37
CA TYR A 18 5.55 23.05 -37.72
C TYR A 18 4.59 22.06 -37.07
N GLU A 19 4.41 20.87 -37.67
CA GLU A 19 3.58 19.86 -37.04
C GLU A 19 4.14 19.43 -35.69
N LEU A 20 5.42 19.07 -35.65
CA LEU A 20 6.02 18.57 -34.42
C LEU A 20 6.12 19.66 -33.37
N LYS A 21 6.34 20.90 -33.79
CA LYS A 21 6.33 22.01 -32.83
C LYS A 21 4.97 22.13 -32.15
N ASN A 22 3.89 22.01 -32.92
CA ASN A 22 2.54 22.14 -32.37
C ASN A 22 2.20 20.99 -31.42
N VAL A 23 2.55 19.75 -31.80
CA VAL A 23 2.12 18.60 -31.01
C VAL A 23 2.97 18.36 -29.78
N THR A 24 4.06 19.12 -29.60
CA THR A 24 4.86 19.04 -28.38
C THR A 24 4.67 20.27 -27.48
N ASN A 25 3.55 20.98 -27.64
CA ASN A 25 3.29 22.22 -26.92
C ASN A 25 4.42 23.22 -27.11
N ASN A 26 4.80 23.42 -28.37
CA ASN A 26 5.87 24.33 -28.76
C ASN A 26 7.20 23.90 -28.13
N PHE A 27 7.42 22.58 -28.08
CA PHE A 27 8.61 21.98 -27.48
C PHE A 27 8.81 22.49 -26.04
N ASP A 28 7.79 22.23 -25.22
CA ASP A 28 7.81 22.66 -23.82
C ASP A 28 8.95 21.97 -23.08
N GLU A 29 9.87 22.78 -22.55
CA GLU A 29 11.09 22.24 -21.94
C GLU A 29 10.87 21.77 -20.50
N ARG A 30 9.74 22.08 -19.90
CA ARG A 30 9.47 21.60 -18.55
C ARG A 30 9.27 20.08 -18.57
N PRO A 31 9.71 19.37 -17.54
CA PRO A 31 9.49 17.92 -17.49
C PRO A 31 8.01 17.59 -17.44
N ILE A 32 7.69 16.36 -17.87
CA ILE A 32 6.30 15.91 -17.87
C ILE A 32 5.76 15.83 -16.46
N SER A 33 6.59 15.41 -15.50
CA SER A 33 6.16 15.38 -14.10
C SER A 33 5.76 16.78 -13.62
N VAL A 34 6.42 17.82 -14.14
CA VAL A 34 5.97 19.18 -13.90
C VAL A 34 4.69 19.48 -14.67
N GLY A 36 5.16 19.77 -18.38
CA GLY A 36 5.64 20.15 -19.69
C GLY A 36 5.71 18.98 -20.64
N ASN A 37 6.73 18.97 -21.51
CA ASN A 37 6.84 17.93 -22.52
C ASN A 37 8.19 17.24 -22.59
N LYS A 38 9.17 17.69 -21.80
CA LYS A 38 10.50 17.08 -21.85
C LYS A 38 10.51 15.77 -21.06
N MET A 39 10.98 14.71 -21.71
CA MET A 39 11.08 13.37 -21.12
C MET A 39 12.49 12.96 -20.80
N GLY A 40 13.47 13.45 -21.53
CA GLY A 40 14.85 13.06 -21.30
C GLY A 40 15.75 13.89 -22.18
N GLU A 41 17.05 13.72 -21.98
CA GLU A 41 18.03 14.51 -22.72
C GLU A 41 19.26 13.66 -22.95
N GLY A 42 19.95 13.95 -24.05
CA GLY A 42 21.21 13.31 -24.36
C GLY A 42 22.18 14.31 -24.94
N GLY A 43 23.36 13.86 -25.36
CA GLY A 43 24.33 14.77 -25.94
C GLY A 43 23.91 15.31 -27.30
N PHE A 44 23.00 14.63 -27.99
CA PHE A 44 22.64 14.98 -29.36
C PHE A 44 21.21 15.49 -29.50
N GLY A 45 20.52 15.75 -28.40
CA GLY A 45 19.21 16.33 -28.50
C GLY A 45 18.38 16.05 -27.25
N VAL A 46 17.15 16.57 -27.30
CA VAL A 46 16.18 16.42 -26.22
C VAL A 46 15.01 15.60 -26.74
N VAL A 47 14.50 14.70 -25.90
CA VAL A 47 13.34 13.88 -26.25
C VAL A 47 12.10 14.49 -25.63
N TYR A 48 11.10 14.77 -26.45
CA TYR A 48 9.84 15.36 -26.02
C TYR A 48 8.70 14.39 -26.23
N LYS A 49 7.70 14.47 -25.37
CA LYS A 49 6.46 13.77 -25.57
C LYS A 49 5.61 14.55 -26.57
N GLY A 50 5.05 13.84 -27.55
CA GLY A 50 4.17 14.45 -28.52
C GLY A 50 2.85 13.70 -28.58
N TYR A 51 1.83 14.41 -29.04
CA TYR A 51 0.49 13.86 -29.18
C TYR A 51 0.04 14.15 -30.61
N VAL A 52 -0.08 13.09 -31.42
CA VAL A 52 -0.43 13.21 -32.83
C VAL A 52 -1.65 12.33 -33.10
N ASN A 53 -2.76 12.95 -33.49
CA ASN A 53 -3.99 12.24 -33.81
C ASN A 53 -4.34 11.25 -32.69
N ASN A 54 -4.38 11.75 -31.46
CA ASN A 54 -4.72 10.98 -30.27
C ASN A 54 -3.76 9.82 -30.03
N THR A 55 -2.52 9.95 -30.51
CA THR A 55 -1.49 8.94 -30.27
C THR A 55 -0.27 9.61 -29.66
N THR A 56 0.18 9.08 -28.52
CA THR A 56 1.41 9.57 -27.92
C THR A 56 2.60 9.09 -28.74
N VAL A 57 3.52 10.02 -29.04
CA VAL A 57 4.74 9.71 -29.76
C VAL A 57 5.90 10.33 -29.00
N ALA A 58 7.10 9.86 -29.32
CA ALA A 58 8.34 10.45 -28.81
C ALA A 58 9.01 11.22 -29.94
N VAL A 59 9.30 12.49 -29.70
CA VAL A 59 9.95 13.35 -30.67
C VAL A 59 11.31 13.74 -30.10
N LYS A 60 12.37 13.41 -30.83
CA LYS A 60 13.71 13.83 -30.48
C LYS A 60 14.12 14.96 -31.41
N LYS A 61 14.28 16.16 -30.87
CA LYS A 61 14.79 17.30 -31.63
C LYS A 61 16.28 17.39 -31.39
N LEU A 62 17.05 17.22 -32.46
CA LEU A 62 18.51 17.19 -32.34
C LEU A 62 19.04 18.56 -31.96
N ALA A 63 20.08 18.58 -31.13
CA ALA A 63 20.72 19.82 -30.73
C ALA A 63 22.17 19.54 -30.37
N ALA A 64 23.01 20.56 -30.51
CA ALA A 64 24.43 20.46 -30.21
C ALA A 64 24.63 20.78 -28.74
N MET A 65 24.77 19.75 -27.92
CA MET A 65 24.98 19.92 -26.48
C MET A 65 26.33 19.39 -26.01
N VAL A 66 27.15 18.84 -26.91
CA VAL A 66 28.43 18.27 -26.54
C VAL A 66 29.55 18.80 -27.42
N ASP A 67 29.39 20.04 -27.90
CA ASP A 67 30.36 20.67 -28.82
C ASP A 67 30.49 19.84 -30.10
N ILE A 68 29.38 19.81 -30.83
CA ILE A 68 29.29 19.11 -32.11
C ILE A 68 28.94 20.12 -33.18
N THR A 69 29.40 19.85 -34.41
CA THR A 69 29.18 20.75 -35.53
C THR A 69 27.84 20.43 -36.20
N THR A 70 27.47 21.25 -37.18
CA THR A 70 26.21 21.05 -37.88
C THR A 70 26.28 19.84 -38.80
N GLU A 71 27.38 19.67 -39.52
CA GLU A 71 27.52 18.53 -40.41
C GLU A 71 27.53 17.22 -39.62
N GLU A 72 28.20 17.20 -38.47
CA GLU A 72 28.23 16.01 -37.64
C GLU A 72 26.82 15.61 -37.19
N LEU A 73 26.06 16.59 -36.68
CA LEU A 73 24.71 16.30 -36.21
C LEU A 73 23.82 15.82 -37.35
N LYS A 74 23.93 16.44 -38.52
CA LYS A 74 23.15 15.99 -39.67
C LYS A 74 23.56 14.59 -40.10
N GLN A 75 24.86 14.28 -40.06
CA GLN A 75 25.32 12.94 -40.43
C GLN A 75 24.77 11.88 -39.49
N GLN A 76 24.75 12.18 -38.18
CA GLN A 76 24.15 11.25 -37.23
C GLN A 76 22.64 11.15 -37.42
N PHE A 77 21.99 12.27 -37.78
CA PHE A 77 20.57 12.24 -38.11
C PHE A 77 20.29 11.29 -39.27
N ASP A 78 21.10 11.39 -40.34
CA ASP A 78 20.92 10.50 -41.48
C ASP A 78 21.22 9.05 -41.12
N GLN A 79 22.18 8.82 -40.22
CA GLN A 79 22.50 7.46 -39.82
C GLN A 79 21.38 6.83 -39.01
N GLU A 80 20.70 7.63 -38.18
CA GLU A 80 19.56 7.12 -37.43
C GLU A 80 18.48 6.60 -38.36
N ILE A 81 18.19 7.35 -39.43
CA ILE A 81 17.14 6.94 -40.37
C ILE A 81 17.61 5.73 -41.18
N LYS A 82 18.87 5.72 -41.61
CA LYS A 82 19.39 4.61 -42.40
C LYS A 82 19.30 3.29 -41.64
N VAL A 83 19.74 3.30 -40.37
CA VAL A 83 19.76 2.07 -39.59
C VAL A 83 18.35 1.54 -39.41
N MET A 84 17.41 2.40 -39.02
CA MET A 84 16.06 1.97 -38.73
C MET A 84 15.25 1.70 -39.99
N ALA A 85 15.65 2.26 -41.13
CA ALA A 85 15.01 1.90 -42.39
C ALA A 85 15.27 0.44 -42.74
N LYS A 86 16.50 -0.03 -42.47
CA LYS A 86 16.88 -1.40 -42.79
C LYS A 86 16.79 -2.36 -41.61
N CYS A 87 16.74 -1.86 -40.38
CA CYS A 87 16.75 -2.71 -39.19
C CYS A 87 15.44 -2.54 -38.44
N GLN A 88 14.55 -3.50 -38.61
CA GLN A 88 13.31 -3.59 -37.83
C GLN A 88 13.37 -4.89 -37.04
N HIS A 89 13.27 -4.78 -35.72
CA HIS A 89 13.44 -5.94 -34.86
C HIS A 89 12.63 -5.73 -33.58
N GLU A 90 12.26 -6.85 -32.96
CA GLU A 90 11.48 -6.80 -31.72
C GLU A 90 12.16 -5.98 -30.65
N ASN A 91 13.49 -5.94 -30.63
CA ASN A 91 14.24 -5.27 -29.57
C ASN A 91 14.97 -4.02 -30.06
N LEU A 92 14.48 -3.39 -31.12
CA LEU A 92 14.93 -2.06 -31.51
C LEU A 92 13.74 -1.13 -31.53
N VAL A 93 13.96 0.13 -31.16
CA VAL A 93 12.87 1.10 -31.21
C VAL A 93 12.39 1.25 -32.65
N GLU A 94 11.13 1.64 -32.80
CA GLU A 94 10.51 1.79 -34.11
C GLU A 94 10.37 3.28 -34.42
N LEU A 95 10.98 3.71 -35.51
CA LEU A 95 10.82 5.08 -35.98
C LEU A 95 9.52 5.20 -36.77
N LEU A 96 8.77 6.28 -36.51
CA LEU A 96 7.56 6.56 -37.28
C LEU A 96 7.78 7.58 -38.39
N GLY A 97 8.71 8.51 -38.18
CA GLY A 97 8.96 9.53 -39.18
C GLY A 97 10.01 10.50 -38.70
N PHE A 98 10.18 11.58 -39.46
CA PHE A 98 11.22 12.54 -39.17
C PHE A 98 10.85 13.89 -39.78
N SER A 99 11.55 14.93 -39.32
CA SER A 99 11.44 16.27 -39.87
C SER A 99 12.83 16.76 -40.23
N SER A 100 12.99 17.27 -41.45
CA SER A 100 14.29 17.76 -41.92
C SER A 100 14.28 19.18 -42.45
N ASP A 101 13.11 19.83 -42.55
CA ASP A 101 13.08 21.22 -43.00
C ASP A 101 13.57 22.15 -41.90
N ASP A 104 16.40 22.71 -37.86
CA ASP A 104 16.11 21.73 -36.84
C ASP A 104 15.84 20.36 -37.46
N LEU A 105 16.41 19.33 -36.85
CA LEU A 105 16.17 17.95 -37.25
C LEU A 105 15.41 17.25 -36.13
N CYS A 106 14.38 16.48 -36.51
CA CYS A 106 13.54 15.77 -35.55
C CYS A 106 13.32 14.34 -36.01
N LEU A 107 13.29 13.42 -35.04
CA LEU A 107 12.92 12.03 -35.24
C LEU A 107 11.71 11.72 -34.38
N VAL A 108 10.71 11.07 -34.98
CA VAL A 108 9.45 10.75 -34.30
C VAL A 108 9.36 9.24 -34.14
N TYR A 109 9.21 8.79 -32.90
CA TYR A 109 9.24 7.38 -32.56
C TYR A 109 7.92 6.94 -31.95
N VAL A 110 7.68 5.62 -32.03
CA VAL A 110 6.65 4.99 -31.20
C VAL A 110 6.99 5.24 -29.74
N TYR A 111 5.99 5.67 -28.98
CA TYR A 111 6.18 6.02 -27.58
C TYR A 111 6.49 4.77 -26.76
N MET A 112 7.52 4.87 -25.92
CA MET A 112 7.86 3.80 -24.98
C MET A 112 7.37 4.20 -23.61
N PRO A 113 6.23 3.67 -23.14
CA PRO A 113 5.58 4.23 -21.94
C PRO A 113 6.34 4.04 -20.66
N ASN A 114 7.26 3.08 -20.60
CA ASN A 114 8.00 2.82 -19.37
C ASN A 114 9.41 3.39 -19.40
N GLY A 115 9.70 4.28 -20.34
CA GLY A 115 10.93 5.05 -20.31
C GLY A 115 12.18 4.20 -20.49
N SER A 116 13.28 4.66 -19.89
CA SER A 116 14.56 4.00 -20.07
C SER A 116 14.82 2.99 -18.94
N LEU A 117 15.65 2.00 -19.26
CA LEU A 117 16.12 1.05 -18.26
C LEU A 117 16.87 1.77 -17.14
N LEU A 118 17.62 2.80 -17.49
CA LEU A 118 18.33 3.57 -16.47
C LEU A 118 17.37 4.14 -15.44
N ASP A 119 16.27 4.73 -15.92
CA ASP A 119 15.32 5.36 -15.00
C ASP A 119 14.56 4.32 -14.17
N ARG A 120 14.20 3.20 -14.80
CA ARG A 120 13.47 2.17 -14.04
C ARG A 120 14.38 1.48 -13.03
N LEU A 121 15.67 1.31 -13.34
CA LEU A 121 16.59 0.75 -12.36
C LEU A 121 16.77 1.68 -11.17
N SER A 122 16.68 2.99 -11.38
CA SER A 122 16.76 3.95 -10.28
C SER A 122 15.41 4.23 -9.65
N CYS A 123 14.32 3.66 -10.21
CA CYS A 123 12.96 3.88 -9.72
C CYS A 123 12.59 5.35 -9.77
N LEU A 124 13.07 6.04 -10.80
CA LEU A 124 12.79 7.46 -10.97
C LEU A 124 11.30 7.72 -10.98
N ASP A 125 10.89 8.82 -10.36
CA ASP A 125 9.50 9.25 -10.24
C ASP A 125 8.65 8.28 -9.44
N GLY A 126 9.26 7.37 -8.71
CA GLY A 126 8.52 6.48 -7.82
C GLY A 126 8.01 5.20 -8.44
N THR A 127 8.51 4.81 -9.60
CA THR A 127 8.06 3.57 -10.21
C THR A 127 8.54 2.37 -9.39
N PRO A 128 7.78 1.28 -9.38
CA PRO A 128 8.15 0.14 -8.54
C PRO A 128 9.40 -0.54 -9.08
N PRO A 129 10.22 -1.14 -8.21
CA PRO A 129 11.44 -1.80 -8.68
C PRO A 129 11.14 -2.94 -9.64
N LEU A 130 12.05 -3.14 -10.59
CA LEU A 130 11.94 -4.25 -11.52
C LEU A 130 12.27 -5.56 -10.82
N SER A 131 11.45 -6.58 -11.03
CA SER A 131 11.75 -7.89 -10.49
C SER A 131 12.95 -8.51 -11.22
N TRP A 132 13.54 -9.53 -10.59
CA TRP A 132 14.60 -10.28 -11.25
C TRP A 132 14.09 -10.95 -12.53
N HIS A 133 12.86 -11.46 -12.50
CA HIS A 133 12.28 -12.07 -13.70
C HIS A 133 12.19 -11.06 -14.83
N MET A 134 11.72 -9.84 -14.53
CA MET A 134 11.66 -8.80 -15.55
C MET A 134 13.06 -8.41 -16.03
N ARG A 135 14.03 -8.36 -15.11
CA ARG A 135 15.38 -7.99 -15.49
C ARG A 135 16.03 -9.02 -16.39
N CYS A 136 15.72 -10.31 -16.19
CA CYS A 136 16.28 -11.34 -17.06
C CYS A 136 15.74 -11.22 -18.47
N LYS A 137 14.43 -10.92 -18.62
CA LYS A 137 13.86 -10.73 -19.95
C LYS A 137 14.41 -9.48 -20.61
N ILE A 138 14.66 -8.43 -19.83
CA ILE A 138 15.24 -7.21 -20.38
C ILE A 138 16.66 -7.47 -20.88
N ALA A 139 17.46 -8.16 -20.07
CA ALA A 139 18.82 -8.50 -20.49
C ALA A 139 18.81 -9.34 -21.76
N GLN A 140 17.92 -10.35 -21.82
CA GLN A 140 17.84 -11.19 -23.01
C GLN A 140 17.40 -10.39 -24.23
N GLY A 141 16.42 -9.51 -24.06
CA GLY A 141 15.94 -8.71 -25.18
C GLY A 141 16.97 -7.72 -25.68
N ALA A 142 17.69 -7.08 -24.77
CA ALA A 142 18.74 -6.16 -25.17
C ALA A 142 19.83 -6.88 -25.95
N ALA A 143 20.20 -8.09 -25.51
CA ALA A 143 21.19 -8.88 -26.23
C ALA A 143 20.69 -9.25 -27.63
N ASN A 144 19.39 -9.59 -27.74
CA ASN A 144 18.84 -9.91 -29.06
C ASN A 144 18.90 -8.72 -29.99
N GLY A 145 18.67 -7.52 -29.46
CA GLY A 145 18.76 -6.32 -30.28
C GLY A 145 20.19 -6.04 -30.74
N ILE A 146 21.16 -6.17 -29.84
CA ILE A 146 22.56 -5.95 -30.24
C ILE A 146 22.96 -7.01 -31.26
N ASN A 147 22.52 -8.24 -31.06
CA ASN A 147 22.84 -9.30 -32.03
C ASN A 147 22.29 -8.94 -33.41
N PHE A 148 21.05 -8.44 -33.47
CA PHE A 148 20.47 -8.09 -34.76
C PHE A 148 21.28 -7.01 -35.45
N LEU A 149 21.74 -6.01 -34.69
CA LEU A 149 22.57 -4.97 -35.28
C LEU A 149 23.89 -5.54 -35.78
N HIS A 150 24.57 -6.33 -34.93
CA HIS A 150 25.85 -6.91 -35.34
C HIS A 150 25.66 -7.87 -36.52
N GLU A 151 24.55 -8.59 -36.55
CA GLU A 151 24.23 -9.45 -37.69
C GLU A 151 24.08 -8.64 -38.96
N ASN A 152 23.59 -7.40 -38.87
CA ASN A 152 23.45 -6.52 -40.00
C ASN A 152 24.66 -5.62 -40.20
N HIS A 153 25.79 -5.97 -39.60
CA HIS A 153 27.06 -5.27 -39.78
C HIS A 153 26.99 -3.81 -39.29
N HIS A 154 26.41 -3.62 -38.12
CA HIS A 154 26.33 -2.31 -37.50
C HIS A 154 26.98 -2.35 -36.12
N ILE A 155 27.83 -1.37 -35.84
CA ILE A 155 28.39 -1.15 -34.51
C ILE A 155 27.63 0.00 -33.87
N HIS A 156 27.09 -0.23 -32.68
CA HIS A 156 26.19 0.76 -32.08
C HIS A 156 26.95 1.96 -31.54
N ARG A 157 27.99 1.72 -30.74
CA ARG A 157 28.96 2.67 -30.19
C ARG A 157 28.41 3.48 -29.02
N ASP A 158 27.15 3.30 -28.62
CA ASP A 158 26.60 4.08 -27.51
C ASP A 158 25.70 3.21 -26.64
N ILE A 159 26.08 1.95 -26.43
CA ILE A 159 25.27 1.06 -25.61
C ILE A 159 25.36 1.48 -24.16
N LYS A 160 24.20 1.72 -23.54
CA LYS A 160 24.10 2.08 -22.14
C LYS A 160 22.64 1.98 -21.74
N SER A 161 22.39 1.94 -20.43
CA SER A 161 21.03 1.69 -19.96
C SER A 161 20.09 2.83 -20.31
N ALA A 162 20.61 4.04 -20.46
CA ALA A 162 19.75 5.14 -20.91
C ALA A 162 19.27 4.93 -22.34
N ASN A 163 19.97 4.12 -23.13
CA ASN A 163 19.61 3.84 -24.51
C ASN A 163 18.90 2.51 -24.68
N ILE A 164 18.44 1.92 -23.59
CA ILE A 164 17.57 0.75 -23.64
C ILE A 164 16.23 1.21 -23.10
N LEU A 165 15.24 1.30 -23.97
CA LEU A 165 13.92 1.75 -23.58
C LEU A 165 13.01 0.55 -23.36
N LEU A 166 11.87 0.81 -22.72
CA LEU A 166 10.99 -0.25 -22.23
C LEU A 166 9.55 0.06 -22.67
N ASP A 167 8.95 -0.86 -23.41
CA ASP A 167 7.62 -0.63 -23.98
C ASP A 167 6.54 -1.04 -22.98
N GLU A 168 5.30 -1.14 -23.48
CA GLU A 168 4.15 -1.45 -22.63
C GLU A 168 4.26 -2.81 -21.94
N ALA A 169 5.12 -3.71 -22.44
CA ALA A 169 5.33 -5.00 -21.81
C ALA A 169 6.70 -5.11 -21.16
N PHE A 170 7.38 -3.97 -20.95
CA PHE A 170 8.75 -3.93 -20.45
C PHE A 170 9.70 -4.73 -21.32
N THR A 171 9.39 -4.79 -22.61
CA THR A 171 10.31 -5.32 -23.61
C THR A 171 11.41 -4.31 -23.88
N ALA A 172 12.66 -4.78 -23.88
CA ALA A 172 13.80 -3.90 -24.10
C ALA A 172 13.89 -3.49 -25.56
N LYS A 173 14.07 -2.19 -25.82
CA LYS A 173 14.21 -1.66 -27.17
C LYS A 173 15.46 -0.77 -27.22
N ILE A 174 16.47 -1.22 -27.96
CA ILE A 174 17.68 -0.42 -28.16
C ILE A 174 17.35 0.81 -29.00
N SER A 175 17.93 1.95 -28.63
CA SER A 175 17.72 3.21 -29.35
C SER A 175 19.07 3.89 -29.57
N ASP A 176 19.00 5.09 -30.17
CA ASP A 176 20.14 5.99 -30.34
C ASP A 176 21.25 5.43 -31.25
N PHE A 177 20.96 5.30 -32.55
CA PHE A 177 21.89 4.75 -33.52
C PHE A 177 22.66 5.82 -34.31
N GLY A 178 22.68 7.07 -33.83
CA GLY A 178 23.29 8.14 -34.57
C GLY A 178 24.80 8.00 -34.73
N LEU A 179 25.45 7.28 -33.82
CA LEU A 179 26.88 7.05 -33.89
C LEU A 179 27.23 5.72 -34.56
N ALA A 180 26.24 5.01 -35.07
CA ALA A 180 26.48 3.67 -35.60
C ALA A 180 27.40 3.71 -36.82
N ARG A 181 28.19 2.65 -36.99
CA ARG A 181 29.11 2.52 -38.09
C ARG A 181 29.01 1.11 -38.67
N ALA A 182 29.26 1.01 -39.98
CA ALA A 182 29.29 -0.28 -40.63
C ALA A 182 30.51 -1.08 -40.18
N SER A 183 30.36 -2.41 -40.18
CA SER A 183 31.42 -3.31 -39.73
C SER A 183 31.61 -4.39 -40.78
N GLU A 184 32.70 -4.29 -41.55
CA GLU A 184 33.05 -5.28 -42.56
C GLU A 184 31.91 -5.55 -43.54
N TPO A 189 38.64 -2.16 -35.28
CA TPO A 189 39.85 -2.49 -36.01
CB TPO A 189 39.70 -3.86 -36.72
CG2 TPO A 189 40.22 -3.93 -38.16
OG1 TPO A 189 40.37 -4.85 -35.92
P TPO A 189 39.39 -5.42 -34.76
O1P TPO A 189 40.21 -6.47 -33.85
O2P TPO A 189 38.12 -6.16 -35.43
O3P TPO A 189 38.89 -4.35 -33.87
C TPO A 189 40.20 -1.34 -36.97
O TPO A 189 41.32 -1.24 -37.47
N VAL A 190 39.23 -0.45 -37.16
CA VAL A 190 39.49 0.85 -37.78
C VAL A 190 39.56 1.90 -36.66
N MET A 191 40.11 3.07 -36.98
CA MET A 191 40.32 4.11 -35.97
C MET A 191 39.64 5.43 -36.34
N TPO A 192 39.28 6.21 -35.31
CA TPO A 192 38.76 7.56 -35.52
CB TPO A 192 37.24 7.59 -35.28
CG2 TPO A 192 36.91 6.99 -33.92
OG1 TPO A 192 36.78 8.95 -35.31
P TPO A 192 36.03 9.20 -36.72
O1P TPO A 192 34.50 9.62 -36.44
O2P TPO A 192 36.77 10.39 -37.51
O3P TPO A 192 36.05 7.96 -37.54
C TPO A 192 39.47 8.56 -34.60
O TPO A 192 39.93 8.20 -33.52
N SEP A 193 39.53 9.82 -35.04
CA SEP A 193 40.14 10.88 -34.26
CB SEP A 193 40.66 12.00 -35.17
OG SEP A 193 39.59 12.79 -35.66
C SEP A 193 39.17 11.46 -33.23
O SEP A 193 39.57 12.04 -32.22
P SEP A 193 39.45 12.65 -37.26
O1P SEP A 193 39.09 11.12 -37.63
O2P SEP A 193 40.84 13.06 -37.97
O3P SEP A 193 38.27 13.61 -37.78
N ARG A 194 37.88 11.28 -33.51
CA ARG A 194 36.82 11.79 -32.64
C ARG A 194 36.30 10.68 -31.73
N ILE A 195 36.65 10.77 -30.44
CA ILE A 195 36.25 9.75 -29.47
C ILE A 195 34.93 10.20 -28.85
N VAL A 196 33.89 9.36 -29.00
CA VAL A 196 32.55 9.68 -28.54
C VAL A 196 32.01 8.51 -27.73
N GLY A 197 31.09 8.82 -26.83
CA GLY A 197 30.45 7.83 -25.97
C GLY A 197 30.47 8.28 -24.53
N THR A 198 29.90 7.44 -23.67
CA THR A 198 29.84 7.69 -22.24
C THR A 198 30.98 6.91 -21.57
N THR A 199 31.84 7.63 -20.85
CA THR A 199 33.10 7.06 -20.38
C THR A 199 32.88 5.82 -19.53
N ALA A 200 31.92 5.88 -18.60
CA ALA A 200 31.71 4.79 -17.66
C ALA A 200 31.25 3.51 -18.34
N TYR A 201 30.82 3.55 -19.60
CA TYR A 201 30.40 2.37 -20.33
C TYR A 201 31.42 1.89 -21.35
N MET A 202 32.46 2.67 -21.62
CA MET A 202 33.31 2.47 -22.78
C MET A 202 34.46 1.50 -22.50
N ALA A 203 34.67 0.59 -23.45
CA ALA A 203 35.82 -0.29 -23.43
C ALA A 203 37.11 0.52 -23.56
N PRO A 204 38.23 0.00 -23.05
CA PRO A 204 39.50 0.74 -23.18
C PRO A 204 39.85 1.07 -24.63
N GLU A 205 39.70 0.11 -25.55
CA GLU A 205 40.08 0.38 -26.93
C GLU A 205 39.18 1.43 -27.56
N ALA A 206 37.92 1.52 -27.14
CA ALA A 206 37.05 2.58 -27.64
C ALA A 206 37.53 3.94 -27.15
N LEU A 207 37.96 4.02 -25.88
CA LEU A 207 38.53 5.26 -25.36
C LEU A 207 39.83 5.63 -26.07
N ARG A 208 40.46 4.68 -26.75
CA ARG A 208 41.67 4.94 -27.53
C ARG A 208 41.35 5.33 -28.97
N GLY A 209 40.09 5.29 -29.38
CA GLY A 209 39.69 5.64 -30.72
C GLY A 209 39.42 4.48 -31.66
N GLU A 210 39.51 3.25 -31.18
CA GLU A 210 39.24 2.10 -32.02
C GLU A 210 37.74 1.94 -32.23
N ILE A 211 37.35 1.44 -33.39
CA ILE A 211 35.94 1.23 -33.73
C ILE A 211 35.81 -0.27 -33.99
N THR A 212 35.07 -0.96 -33.12
CA THR A 212 34.92 -2.40 -33.28
C THR A 212 33.65 -2.85 -32.56
N PRO A 213 32.95 -3.87 -33.06
CA PRO A 213 31.78 -4.38 -32.34
C PRO A 213 32.13 -4.94 -30.97
N LYS A 214 33.39 -5.31 -30.74
CA LYS A 214 33.79 -5.83 -29.43
C LYS A 214 33.57 -4.79 -28.33
N SER A 215 33.59 -3.50 -28.69
CA SER A 215 33.32 -2.46 -27.70
C SER A 215 31.86 -2.46 -27.26
N ASP A 216 30.94 -2.82 -28.16
CA ASP A 216 29.54 -2.94 -27.76
C ASP A 216 29.37 -4.00 -26.68
N ILE A 217 30.10 -5.11 -26.81
CA ILE A 217 30.02 -6.20 -25.84
C ILE A 217 30.43 -5.72 -24.46
N TYR A 218 31.56 -4.99 -24.39
CA TYR A 218 32.01 -4.44 -23.12
C TYR A 218 30.96 -3.52 -22.51
N SER A 219 30.40 -2.62 -23.32
CA SER A 219 29.36 -1.73 -22.81
C SER A 219 28.16 -2.52 -22.30
N PHE A 220 27.78 -3.58 -23.01
CA PHE A 220 26.67 -4.41 -22.55
C PHE A 220 26.98 -5.06 -21.21
N GLY A 221 28.24 -5.44 -20.99
CA GLY A 221 28.63 -5.95 -19.69
C GLY A 221 28.38 -4.96 -18.57
N VAL A 222 28.64 -3.67 -18.82
CA VAL A 222 28.33 -2.66 -17.82
C VAL A 222 26.83 -2.61 -17.55
N VAL A 223 26.02 -2.71 -18.60
CA VAL A 223 24.56 -2.71 -18.42
C VAL A 223 24.13 -3.90 -17.57
N LEU A 224 24.74 -5.07 -17.80
CA LEU A 224 24.40 -6.24 -17.00
C LEU A 224 24.71 -6.02 -15.53
N LEU A 225 25.83 -5.35 -15.22
CA LEU A 225 26.14 -5.01 -13.84
C LEU A 225 25.11 -4.05 -13.27
N GLU A 226 24.65 -3.10 -14.08
CA GLU A 226 23.57 -2.21 -13.62
C GLU A 226 22.32 -3.01 -13.30
N ILE A 227 22.00 -3.99 -14.15
CA ILE A 227 20.78 -4.78 -13.95
C ILE A 227 20.88 -5.58 -12.66
N ILE A 228 22.05 -6.16 -12.39
CA ILE A 228 22.22 -7.01 -11.21
C ILE A 228 22.20 -6.17 -9.93
N THR A 229 22.89 -5.03 -9.93
CA THR A 229 23.10 -4.24 -8.72
C THR A 229 22.09 -3.12 -8.54
N GLY A 230 21.44 -2.66 -9.61
CA GLY A 230 20.63 -1.46 -9.50
C GLY A 230 21.43 -0.19 -9.35
N LEU A 231 22.74 -0.24 -9.54
CA LEU A 231 23.56 0.95 -9.36
C LEU A 231 23.91 1.56 -10.71
N PRO A 232 23.97 2.89 -10.78
CA PRO A 232 24.38 3.54 -12.04
C PRO A 232 25.85 3.26 -12.34
N ALA A 233 26.18 3.31 -13.63
CA ALA A 233 27.53 2.98 -14.07
C ALA A 233 28.57 3.88 -13.42
N VAL A 234 28.23 5.15 -13.18
CA VAL A 234 29.11 6.09 -12.49
C VAL A 234 28.31 6.80 -11.41
N ASP A 235 28.93 6.98 -10.25
CA ASP A 235 28.33 7.75 -9.17
C ASP A 235 29.47 8.44 -8.42
N GLU A 236 29.57 9.76 -8.58
CA GLU A 236 30.70 10.49 -8.03
C GLU A 236 30.73 10.51 -6.50
N HIS A 237 29.62 10.19 -5.85
CA HIS A 237 29.54 10.16 -4.40
C HIS A 237 29.52 8.72 -3.87
N ARG A 238 30.12 7.80 -4.61
CA ARG A 238 30.12 6.39 -4.25
C ARG A 238 31.54 5.86 -4.34
N GLU A 239 31.84 4.86 -3.52
CA GLU A 239 33.10 4.11 -3.61
C GLU A 239 32.78 2.65 -3.86
N PRO A 240 33.15 2.09 -5.03
CA PRO A 240 33.86 2.73 -6.14
C PRO A 240 32.97 3.66 -6.94
N GLN A 241 33.57 4.72 -7.52
CA GLN A 241 32.79 5.64 -8.34
C GLN A 241 32.29 4.96 -9.61
N LEU A 242 33.09 4.07 -10.18
CA LEU A 242 32.76 3.38 -11.41
C LEU A 242 32.29 1.97 -11.11
N LEU A 243 31.11 1.62 -11.63
CA LEU A 243 30.51 0.33 -11.33
C LEU A 243 31.38 -0.82 -11.82
N LEU A 244 32.02 -0.66 -12.98
CA LEU A 244 32.83 -1.75 -13.52
C LEU A 244 33.96 -2.13 -12.57
N ASP A 245 34.31 -1.27 -11.62
CA ASP A 245 35.37 -1.57 -10.67
C ASP A 245 34.96 -2.64 -9.67
N ILE A 246 33.67 -2.93 -9.51
CA ILE A 246 33.28 -3.99 -8.59
C ILE A 246 33.73 -5.34 -9.12
N LYS A 247 33.94 -5.48 -10.43
CA LYS A 247 34.45 -6.73 -10.95
C LYS A 247 35.83 -7.03 -10.37
N GLU A 248 36.70 -6.02 -10.32
CA GLU A 248 38.01 -6.21 -9.71
C GLU A 248 37.88 -6.63 -8.25
N GLU A 249 36.96 -6.01 -7.52
CA GLU A 249 36.76 -6.36 -6.12
C GLU A 249 36.32 -7.81 -5.97
N ILE A 250 35.43 -8.27 -6.85
CA ILE A 250 34.96 -9.65 -6.78
C ILE A 250 36.06 -10.63 -7.17
N GLU A 251 36.80 -10.33 -8.23
CA GLU A 251 37.92 -11.20 -8.63
C GLU A 251 39.00 -11.24 -7.57
N ASP A 252 39.36 -10.10 -6.99
CA ASP A 252 40.33 -10.07 -5.90
C ASP A 252 39.73 -10.54 -4.58
N GLU A 253 38.49 -11.02 -4.61
CA GLU A 253 37.83 -11.68 -3.48
C GLU A 253 37.66 -10.76 -2.28
N GLU A 254 37.69 -9.44 -2.49
CA GLU A 254 37.32 -8.51 -1.42
C GLU A 254 35.85 -8.68 -1.06
N LYS A 255 34.99 -8.87 -2.06
CA LYS A 255 33.56 -9.04 -1.88
C LYS A 255 33.07 -10.13 -2.84
N THR A 256 31.75 -10.35 -2.85
CA THR A 256 31.12 -11.27 -3.78
C THR A 256 30.02 -10.55 -4.55
N ILE A 257 29.52 -11.19 -5.61
CA ILE A 257 28.44 -10.58 -6.38
C ILE A 257 27.19 -10.44 -5.53
N GLU A 258 26.97 -11.38 -4.60
CA GLU A 258 25.84 -11.27 -3.69
C GLU A 258 25.94 -10.04 -2.80
N ASP A 259 27.16 -9.57 -2.52
CA ASP A 259 27.31 -8.34 -1.75
C ASP A 259 26.73 -7.12 -2.45
N TYR A 260 26.57 -7.19 -3.77
CA TYR A 260 26.15 -6.04 -4.55
C TYR A 260 24.78 -6.20 -5.19
N ILE A 261 24.12 -7.34 -5.00
CA ILE A 261 22.81 -7.57 -5.61
C ILE A 261 21.83 -6.50 -5.15
N ASP A 262 21.06 -5.96 -6.09
CA ASP A 262 20.01 -5.02 -5.77
C ASP A 262 19.10 -5.60 -4.69
N LYS A 263 18.98 -4.88 -3.57
CA LYS A 263 18.11 -5.31 -2.48
C LYS A 263 16.65 -5.04 -2.76
N LYS A 264 16.34 -4.33 -3.85
CA LYS A 264 14.96 -3.99 -4.19
C LYS A 264 14.29 -5.06 -5.04
N MET A 265 14.69 -6.31 -4.86
CA MET A 265 14.08 -7.47 -5.51
C MET A 265 13.74 -8.49 -4.43
N ASN A 266 12.75 -9.32 -4.71
CA ASN A 266 12.43 -10.44 -3.82
C ASN A 266 12.48 -11.78 -4.53
N ASP A 267 12.84 -11.83 -5.81
CA ASP A 267 12.76 -13.05 -6.60
C ASP A 267 14.08 -13.40 -7.28
N ALA A 268 15.20 -12.84 -6.81
CA ALA A 268 16.50 -13.15 -7.37
C ALA A 268 17.07 -14.39 -6.68
N ASP A 269 17.48 -15.37 -7.47
CA ASP A 269 18.13 -16.57 -6.95
C ASP A 269 19.62 -16.52 -7.30
N SER A 270 20.42 -17.13 -6.42
CA SER A 270 21.88 -16.97 -6.51
C SER A 270 22.43 -17.56 -7.81
N THR A 271 21.90 -18.71 -8.24
CA THR A 271 22.47 -19.37 -9.41
C THR A 271 22.29 -18.52 -10.67
N SER A 272 21.08 -18.02 -10.90
CA SER A 272 20.86 -17.23 -12.12
C SER A 272 21.52 -15.86 -12.01
N VAL A 273 21.58 -15.28 -10.80
CA VAL A 273 22.32 -14.03 -10.63
C VAL A 273 23.79 -14.23 -10.95
N GLU A 274 24.38 -15.32 -10.45
CA GLU A 274 25.78 -15.59 -10.76
C GLU A 274 25.95 -15.94 -12.23
N ALA A 275 24.93 -16.56 -12.85
CA ALA A 275 24.98 -16.82 -14.28
C ALA A 275 25.05 -15.53 -15.08
N MET A 276 24.26 -14.52 -14.70
CA MET A 276 24.30 -13.28 -15.46
C MET A 276 25.58 -12.50 -15.16
N TYR A 277 26.07 -12.59 -13.92
CA TYR A 277 27.36 -11.97 -13.61
C TYR A 277 28.49 -12.61 -14.40
N SER A 278 28.42 -13.93 -14.60
CA SER A 278 29.44 -14.61 -15.39
C SER A 278 29.46 -14.07 -16.82
N VAL A 279 28.29 -13.86 -17.42
CA VAL A 279 28.24 -13.24 -18.74
C VAL A 279 28.84 -11.84 -18.68
N ALA A 280 28.45 -11.06 -17.65
CA ALA A 280 28.96 -9.70 -17.51
C ALA A 280 30.48 -9.70 -17.36
N SER A 281 31.00 -10.62 -16.56
CA SER A 281 32.45 -10.69 -16.34
C SER A 281 33.18 -10.99 -17.63
N GLN A 282 32.65 -11.91 -18.44
CA GLN A 282 33.23 -12.22 -19.75
C GLN A 282 33.17 -11.01 -20.67
N CYS A 283 32.03 -10.31 -20.71
CA CYS A 283 31.89 -9.13 -21.53
C CYS A 283 32.91 -8.06 -21.14
N LEU A 284 33.27 -8.00 -19.87
CA LEU A 284 34.11 -6.94 -19.34
C LEU A 284 35.60 -7.28 -19.38
N HIS A 285 35.99 -8.29 -20.15
CA HIS A 285 37.41 -8.55 -20.37
C HIS A 285 38.06 -7.31 -20.99
N GLU A 286 39.13 -6.82 -20.35
CA GLU A 286 39.79 -5.62 -20.87
C GLU A 286 40.45 -5.89 -22.21
N LYS A 287 40.88 -7.12 -22.46
CA LYS A 287 41.41 -7.51 -23.77
C LYS A 287 40.26 -7.82 -24.71
N LYS A 288 40.17 -7.07 -25.81
CA LYS A 288 38.98 -7.13 -26.65
C LYS A 288 38.78 -8.49 -27.30
N ASN A 289 39.86 -9.19 -27.64
CA ASN A 289 39.70 -10.48 -28.29
C ASN A 289 39.32 -11.60 -27.33
N LYS A 290 39.43 -11.37 -26.02
CA LYS A 290 39.02 -12.34 -25.03
C LYS A 290 37.53 -12.25 -24.71
N ARG A 291 36.84 -11.23 -25.20
CA ARG A 291 35.40 -11.10 -24.96
C ARG A 291 34.61 -12.02 -25.88
N PRO A 292 33.46 -12.50 -25.41
CA PRO A 292 32.57 -13.26 -26.30
C PRO A 292 31.93 -12.34 -27.34
N ASP A 293 31.58 -12.93 -28.49
CA ASP A 293 30.77 -12.17 -29.42
C ASP A 293 29.33 -12.09 -28.91
N ILE A 294 28.52 -11.27 -29.58
CA ILE A 294 27.16 -11.05 -29.10
C ILE A 294 26.34 -12.33 -29.18
N LYS A 295 26.61 -13.19 -30.17
CA LYS A 295 25.85 -14.43 -30.28
C LYS A 295 26.10 -15.34 -29.09
N LYS A 296 27.34 -15.47 -28.64
CA LYS A 296 27.61 -16.27 -27.45
C LYS A 296 26.97 -15.66 -26.22
N VAL A 297 27.00 -14.33 -26.11
CA VAL A 297 26.31 -13.66 -25.01
C VAL A 297 24.84 -13.99 -25.04
N GLN A 298 24.25 -14.01 -26.24
CA GLN A 298 22.85 -14.36 -26.41
C GLN A 298 22.55 -15.76 -25.89
N GLN A 299 23.41 -16.74 -26.23
CA GLN A 299 23.15 -18.11 -25.81
C GLN A 299 23.40 -18.29 -24.32
N LEU A 300 24.42 -17.62 -23.78
CA LEU A 300 24.66 -17.70 -22.34
C LEU A 300 23.48 -17.14 -21.55
N LEU A 301 22.91 -16.03 -22.02
CA LEU A 301 21.75 -15.46 -21.35
C LEU A 301 20.53 -16.36 -21.49
N GLN A 302 20.38 -17.03 -22.64
CA GLN A 302 19.27 -17.96 -22.81
C GLN A 302 19.41 -19.19 -21.92
N GLU A 303 20.64 -19.69 -21.75
CA GLU A 303 20.87 -20.81 -20.83
C GLU A 303 20.60 -20.42 -19.39
N MET A 304 20.75 -19.13 -19.07
CA MET A 304 20.53 -18.66 -17.71
C MET A 304 19.12 -18.98 -17.21
N THR A 305 18.12 -18.92 -18.09
CA THR A 305 16.73 -19.08 -17.70
C THR A 305 16.13 -20.40 -18.17
N ALA A 306 16.87 -21.22 -18.92
CA ALA A 306 16.34 -22.46 -19.45
C ALA A 306 16.11 -23.48 -18.34
N ARG B 11 -1.17 -7.24 32.75
CA ARG B 11 -2.21 -7.07 31.73
C ARG B 11 -1.87 -7.84 30.45
N PHE B 12 -0.60 -8.24 30.32
CA PHE B 12 -0.12 -8.97 29.16
C PHE B 12 -0.29 -10.47 29.36
N HIS B 13 -0.23 -11.22 28.25
CA HIS B 13 -0.38 -12.66 28.28
C HIS B 13 0.98 -13.29 28.59
N SER B 14 1.01 -14.19 29.55
CA SER B 14 2.23 -14.90 29.90
C SER B 14 2.34 -16.14 29.02
N PHE B 15 3.29 -16.12 28.08
CA PHE B 15 3.64 -17.29 27.32
C PHE B 15 4.72 -18.07 28.04
N SER B 16 4.77 -19.37 27.78
CA SER B 16 5.93 -20.18 28.15
C SER B 16 6.83 -20.33 26.93
N PHE B 17 8.12 -20.53 27.18
CA PHE B 17 9.08 -20.57 26.07
C PHE B 17 8.73 -21.65 25.06
N TYR B 18 8.19 -22.78 25.53
CA TYR B 18 7.89 -23.87 24.59
C TYR B 18 6.82 -23.46 23.58
N GLU B 19 5.88 -22.60 23.97
CA GLU B 19 4.90 -22.11 23.01
C GLU B 19 5.57 -21.31 21.90
N LEU B 20 6.47 -20.40 22.27
CA LEU B 20 7.07 -19.52 21.26
C LEU B 20 8.04 -20.28 20.36
N LYS B 21 8.74 -21.27 20.90
CA LYS B 21 9.53 -22.16 20.06
C LYS B 21 8.65 -22.79 18.97
N ASN B 22 7.50 -23.32 19.37
CA ASN B 22 6.65 -24.05 18.43
C ASN B 22 6.15 -23.14 17.31
N VAL B 23 5.77 -21.91 17.64
CA VAL B 23 5.12 -21.05 16.65
C VAL B 23 6.11 -20.26 15.79
N THR B 24 7.42 -20.35 16.07
CA THR B 24 8.43 -19.67 15.27
C THR B 24 9.34 -20.65 14.53
N ASN B 25 8.87 -21.87 14.28
CA ASN B 25 9.68 -22.93 13.67
C ASN B 25 10.94 -23.18 14.50
N ASN B 26 10.76 -23.26 15.82
CA ASN B 26 11.85 -23.33 16.79
C ASN B 26 12.89 -22.24 16.54
N PHE B 27 12.39 -21.00 16.45
CA PHE B 27 13.24 -19.83 16.28
C PHE B 27 14.23 -20.04 15.14
N ASP B 28 13.68 -20.34 13.96
CA ASP B 28 14.41 -20.50 12.73
C ASP B 28 15.07 -19.17 12.37
N GLU B 29 16.39 -19.09 12.55
CA GLU B 29 17.11 -17.83 12.42
C GLU B 29 17.37 -17.42 10.97
N ARG B 30 17.02 -18.27 10.00
CA ARG B 30 17.19 -17.87 8.61
C ARG B 30 16.20 -16.76 8.26
N PRO B 31 16.55 -15.90 7.32
CA PRO B 31 15.63 -14.83 6.91
C PRO B 31 14.34 -15.38 6.31
N ILE B 32 13.27 -14.58 6.42
CA ILE B 32 11.96 -14.95 5.88
C ILE B 32 12.06 -15.28 4.39
N SER B 33 12.77 -14.44 3.63
CA SER B 33 12.84 -14.62 2.18
C SER B 33 13.57 -15.90 1.79
N VAL B 34 14.29 -16.51 2.71
CA VAL B 34 15.01 -17.76 2.44
C VAL B 34 14.27 -18.99 2.96
N GLY B 35 13.35 -18.82 3.90
CA GLY B 35 12.54 -19.93 4.37
C GLY B 35 12.40 -19.99 5.87
N GLY B 36 13.15 -19.15 6.56
CA GLY B 36 13.16 -19.12 8.01
C GLY B 36 12.12 -18.16 8.58
N ASN B 37 12.36 -17.73 9.81
CA ASN B 37 11.44 -16.87 10.53
C ASN B 37 12.05 -15.55 10.98
N LYS B 38 13.30 -15.28 10.64
CA LYS B 38 13.95 -14.06 11.09
C LYS B 38 13.51 -12.88 10.25
N MET B 39 13.04 -11.84 10.91
CA MET B 39 12.56 -10.64 10.24
C MET B 39 13.52 -9.47 10.39
N GLY B 40 14.36 -9.50 11.41
CA GLY B 40 15.31 -8.43 11.66
C GLY B 40 16.09 -8.76 12.91
N GLU B 41 17.02 -7.85 13.23
CA GLU B 41 17.85 -8.04 14.41
C GLU B 41 18.42 -6.70 14.83
N GLY B 42 18.92 -6.68 16.06
CA GLY B 42 19.57 -5.51 16.63
C GLY B 42 20.58 -5.99 17.64
N GLY B 43 21.13 -5.08 18.44
CA GLY B 43 22.13 -5.48 19.41
C GLY B 43 21.59 -6.31 20.56
N PHE B 44 20.29 -6.22 20.83
CA PHE B 44 19.71 -6.82 22.02
C PHE B 44 18.81 -8.02 21.73
N GLY B 45 18.61 -8.37 20.46
CA GLY B 45 17.83 -9.56 20.16
C GLY B 45 17.58 -9.71 18.68
N VAL B 46 16.88 -10.79 18.36
CA VAL B 46 16.45 -11.10 17.00
C VAL B 46 14.93 -11.15 16.98
N VAL B 47 14.33 -10.54 15.96
CA VAL B 47 12.88 -10.49 15.81
C VAL B 47 12.45 -11.59 14.85
N TYR B 48 11.54 -12.45 15.31
CA TYR B 48 11.05 -13.58 14.55
C TYR B 48 9.57 -13.38 14.20
N LYS B 49 9.17 -13.98 13.09
CA LYS B 49 7.77 -14.07 12.74
C LYS B 49 7.20 -15.36 13.34
N GLY B 50 6.06 -15.23 14.02
CA GLY B 50 5.38 -16.38 14.57
C GLY B 50 3.92 -16.37 14.17
N TYR B 51 3.29 -17.54 14.31
CA TYR B 51 1.87 -17.69 14.03
C TYR B 51 1.23 -18.32 15.25
N VAL B 52 0.39 -17.55 15.95
CA VAL B 52 -0.28 -17.98 17.17
C VAL B 52 -1.78 -17.86 16.95
N ASN B 53 -2.49 -18.99 17.04
CA ASN B 53 -3.95 -18.95 17.07
C ASN B 53 -4.54 -18.07 15.97
N ASN B 54 -4.23 -18.44 14.73
CA ASN B 54 -4.71 -17.72 13.55
C ASN B 54 -4.24 -16.27 13.51
N THR B 55 -3.08 -15.97 14.10
CA THR B 55 -2.57 -14.60 14.12
C THR B 55 -1.07 -14.58 13.89
N THR B 56 -0.62 -13.83 12.89
CA THR B 56 0.80 -13.54 12.75
C THR B 56 1.24 -12.61 13.86
N VAL B 57 2.35 -12.94 14.52
CA VAL B 57 2.89 -12.12 15.58
C VAL B 57 4.37 -11.87 15.32
N ALA B 58 4.92 -10.91 16.04
CA ALA B 58 6.36 -10.67 16.06
C ALA B 58 6.89 -11.11 17.42
N VAL B 59 7.94 -11.92 17.42
CA VAL B 59 8.53 -12.42 18.65
C VAL B 59 9.99 -11.98 18.68
N LYS B 60 10.31 -11.13 19.64
CA LYS B 60 11.72 -10.72 19.84
C LYS B 60 12.32 -11.57 20.94
N LYS B 61 13.26 -12.43 20.59
CA LYS B 61 14.00 -13.22 21.56
C LYS B 61 15.29 -12.47 21.86
N LEU B 62 15.47 -12.10 23.13
CA LEU B 62 16.60 -11.26 23.51
C LEU B 62 17.89 -12.06 23.46
N ALA B 63 18.97 -11.38 23.07
CA ALA B 63 20.28 -12.04 22.99
C ALA B 63 21.38 -10.99 23.14
N VAL B 66 25.31 -7.66 21.10
CA VAL B 66 26.41 -6.71 21.41
C VAL B 66 26.95 -7.14 22.77
N ASP B 67 27.91 -6.42 23.30
CA ASP B 67 28.40 -6.75 24.66
C ASP B 67 27.32 -6.35 25.65
N ILE B 68 26.73 -7.33 26.35
CA ILE B 68 25.81 -6.93 27.40
C ILE B 68 25.84 -8.00 28.48
N THR B 69 25.80 -7.56 29.74
CA THR B 69 25.71 -8.52 30.82
C THR B 69 24.30 -9.08 30.91
N THR B 70 24.18 -10.30 31.44
CA THR B 70 22.88 -10.93 31.56
C THR B 70 21.94 -10.11 32.42
N GLU B 71 22.48 -9.40 33.42
CA GLU B 71 21.66 -8.53 34.25
C GLU B 71 21.09 -7.37 33.45
N GLU B 72 21.95 -6.66 32.69
CA GLU B 72 21.49 -5.49 31.96
C GLU B 72 20.44 -5.87 30.92
N LEU B 73 20.61 -7.03 30.27
CA LEU B 73 19.63 -7.49 29.30
C LEU B 73 18.29 -7.76 29.97
N LYS B 74 18.31 -8.32 31.18
CA LYS B 74 17.07 -8.55 31.94
C LYS B 74 16.44 -7.24 32.36
N GLN B 75 17.25 -6.25 32.76
CA GLN B 75 16.70 -4.94 33.10
C GLN B 75 16.08 -4.27 31.88
N GLN B 76 16.70 -4.40 30.72
CA GLN B 76 16.10 -3.89 29.49
C GLN B 76 14.81 -4.64 29.16
N PHE B 77 14.79 -5.95 29.40
CA PHE B 77 13.57 -6.73 29.22
C PHE B 77 12.44 -6.18 30.08
N ASP B 78 12.71 -5.95 31.37
CA ASP B 78 11.69 -5.42 32.26
C ASP B 78 11.27 -4.01 31.87
N GLN B 79 12.20 -3.21 31.35
CA GLN B 79 11.87 -1.85 30.96
C GLN B 79 10.94 -1.82 29.75
N GLU B 80 11.12 -2.75 28.81
CA GLU B 80 10.18 -2.86 27.70
C GLU B 80 8.77 -3.12 28.22
N ILE B 81 8.64 -4.08 29.13
CA ILE B 81 7.34 -4.39 29.72
C ILE B 81 6.83 -3.21 30.53
N LYS B 82 7.72 -2.57 31.28
CA LYS B 82 7.36 -1.41 32.11
C LYS B 82 6.74 -0.31 31.25
N VAL B 83 7.42 0.06 30.16
CA VAL B 83 6.98 1.18 29.34
C VAL B 83 5.65 0.85 28.65
N MET B 84 5.55 -0.35 28.08
CA MET B 84 4.35 -0.67 27.32
C MET B 84 3.15 -0.96 28.21
N ALA B 85 3.37 -1.35 29.46
CA ALA B 85 2.26 -1.50 30.40
C ALA B 85 1.58 -0.17 30.67
N LYS B 86 2.33 0.94 30.61
CA LYS B 86 1.78 2.25 30.92
C LYS B 86 1.57 3.12 29.68
N CYS B 87 2.21 2.80 28.56
CA CYS B 87 2.13 3.63 27.36
C CYS B 87 1.43 2.85 26.25
N GLN B 88 0.15 3.13 26.06
CA GLN B 88 -0.62 2.59 24.95
C GLN B 88 -1.03 3.73 24.05
N HIS B 89 -0.72 3.61 22.76
CA HIS B 89 -0.94 4.71 21.82
C HIS B 89 -0.86 4.17 20.40
N GLU B 90 -1.67 4.77 19.52
CA GLU B 90 -1.74 4.30 18.14
C GLU B 90 -0.41 4.41 17.41
N ASN B 91 0.51 5.25 17.91
CA ASN B 91 1.81 5.42 17.28
C ASN B 91 2.93 4.76 18.08
N LEU B 92 2.60 3.80 18.94
CA LEU B 92 3.56 2.93 19.61
C LEU B 92 3.19 1.48 19.32
N VAL B 93 4.21 0.62 19.22
CA VAL B 93 3.92 -0.80 19.03
C VAL B 93 3.20 -1.35 20.26
N GLU B 94 2.40 -2.38 20.06
CA GLU B 94 1.62 -2.99 21.12
C GLU B 94 2.20 -4.35 21.48
N LEU B 95 2.48 -4.54 22.77
CA LEU B 95 2.95 -5.82 23.29
C LEU B 95 1.75 -6.71 23.58
N LEU B 96 1.78 -7.93 23.07
CA LEU B 96 0.75 -8.92 23.38
C LEU B 96 1.09 -9.70 24.64
N GLY B 97 2.36 -10.01 24.85
CA GLY B 97 2.74 -10.78 26.01
C GLY B 97 4.23 -11.03 26.01
N PHE B 98 4.66 -11.92 26.89
CA PHE B 98 6.09 -12.16 27.03
C PHE B 98 6.30 -13.55 27.63
N SER B 99 7.54 -14.02 27.52
CA SER B 99 8.00 -15.26 28.13
C SER B 99 9.29 -14.95 28.88
N SER B 100 9.39 -15.50 30.10
CA SER B 100 10.61 -15.30 30.88
C SER B 100 11.04 -16.55 31.64
N ASP B 101 10.36 -17.69 31.44
CA ASP B 101 10.78 -18.92 32.09
C ASP B 101 12.07 -19.43 31.44
N GLY B 102 13.04 -19.75 32.29
CA GLY B 102 14.33 -20.21 31.81
C GLY B 102 15.30 -19.08 31.55
N ASP B 103 16.38 -19.43 30.83
CA ASP B 103 17.39 -18.45 30.46
C ASP B 103 16.90 -17.51 29.36
N ASP B 104 15.82 -17.84 28.68
CA ASP B 104 15.37 -17.10 27.51
C ASP B 104 14.36 -16.03 27.89
N LEU B 105 14.46 -14.88 27.22
CA LEU B 105 13.52 -13.78 27.39
C LEU B 105 12.92 -13.44 26.04
N CYS B 106 11.59 -13.39 25.97
CA CYS B 106 10.89 -13.12 24.72
C CYS B 106 9.81 -12.07 24.91
N LEU B 107 9.68 -11.19 23.92
CA LEU B 107 8.61 -10.21 23.85
C LEU B 107 7.78 -10.52 22.61
N VAL B 108 6.45 -10.55 22.77
CA VAL B 108 5.53 -10.91 21.69
C VAL B 108 4.68 -9.70 21.36
N TYR B 109 4.70 -9.28 20.09
CA TYR B 109 4.04 -8.05 19.67
C TYR B 109 2.98 -8.31 18.61
N VAL B 110 2.06 -7.35 18.50
CA VAL B 110 1.21 -7.26 17.32
C VAL B 110 2.10 -7.06 16.11
N TYR B 111 1.87 -7.87 15.08
CA TYR B 111 2.70 -7.85 13.88
C TYR B 111 2.45 -6.57 13.09
N MET B 112 3.52 -6.01 12.53
CA MET B 112 3.41 -4.84 11.67
C MET B 112 3.71 -5.26 10.23
N PRO B 113 2.69 -5.41 9.39
CA PRO B 113 2.88 -6.08 8.09
C PRO B 113 3.81 -5.34 7.15
N ASN B 114 4.02 -4.04 7.33
CA ASN B 114 4.86 -3.31 6.40
C ASN B 114 6.26 -3.06 6.95
N GLY B 115 6.63 -3.73 8.04
CA GLY B 115 8.01 -3.72 8.49
C GLY B 115 8.45 -2.36 8.98
N SER B 116 9.74 -2.09 8.81
CA SER B 116 10.35 -0.87 9.33
C SER B 116 10.39 0.22 8.27
N LEU B 117 10.35 1.48 8.74
CA LEU B 117 10.53 2.61 7.86
C LEU B 117 11.86 2.54 7.11
N LEU B 118 12.90 2.02 7.78
CA LEU B 118 14.20 1.88 7.14
C LEU B 118 14.12 1.02 5.89
N ASP B 119 13.49 -0.15 6.01
CA ASP B 119 13.40 -1.07 4.88
C ASP B 119 12.48 -0.53 3.79
N ARG B 120 11.43 0.20 4.15
CA ARG B 120 10.55 0.74 3.12
C ARG B 120 11.20 1.92 2.40
N LEU B 121 12.03 2.69 3.10
CA LEU B 121 12.79 3.75 2.43
C LEU B 121 13.82 3.17 1.46
N SER B 122 14.39 2.02 1.77
CA SER B 122 15.30 1.37 0.84
C SER B 122 14.59 0.46 -0.15
N CYS B 123 13.27 0.34 -0.05
CA CYS B 123 12.48 -0.51 -0.95
C CYS B 123 12.95 -1.95 -0.90
N LEU B 124 13.41 -2.38 0.28
CA LEU B 124 13.83 -3.76 0.50
C LEU B 124 12.76 -4.73 0.05
N ASP B 125 13.19 -5.81 -0.60
CA ASP B 125 12.32 -6.88 -1.10
C ASP B 125 11.34 -6.38 -2.17
N GLY B 126 11.70 -5.31 -2.86
CA GLY B 126 10.92 -4.87 -4.00
C GLY B 126 9.64 -4.11 -3.69
N THR B 127 9.49 -3.59 -2.48
CA THR B 127 8.31 -2.81 -2.16
C THR B 127 8.34 -1.48 -2.90
N PRO B 128 7.18 -0.92 -3.24
CA PRO B 128 7.16 0.33 -4.00
C PRO B 128 7.64 1.49 -3.14
N PRO B 129 8.31 2.47 -3.74
CA PRO B 129 8.76 3.63 -2.96
C PRO B 129 7.60 4.37 -2.33
N LEU B 130 7.80 4.84 -1.09
CA LEU B 130 6.79 5.63 -0.42
C LEU B 130 6.62 6.98 -1.10
N SER B 131 5.36 7.39 -1.28
CA SER B 131 5.07 8.70 -1.80
C SER B 131 5.42 9.77 -0.77
N TRP B 132 5.60 11.01 -1.25
CA TRP B 132 5.87 12.11 -0.34
C TRP B 132 4.70 12.32 0.61
N HIS B 133 3.47 12.14 0.12
CA HIS B 133 2.30 12.27 0.97
C HIS B 133 2.33 11.25 2.10
N MET B 134 2.68 10.00 1.79
CA MET B 134 2.74 8.98 2.83
C MET B 134 3.91 9.25 3.79
N ARG B 135 5.03 9.75 3.28
CA ARG B 135 6.17 10.09 4.14
C ARG B 135 5.79 11.18 5.13
N CYS B 136 4.99 12.15 4.70
CA CYS B 136 4.53 13.20 5.62
C CYS B 136 3.66 12.63 6.73
N LYS B 137 2.77 11.69 6.39
CA LYS B 137 1.95 11.05 7.42
C LYS B 137 2.80 10.20 8.36
N ILE B 138 3.80 9.50 7.83
CA ILE B 138 4.68 8.70 8.68
C ILE B 138 5.47 9.59 9.64
N ALA B 139 5.99 10.71 9.12
CA ALA B 139 6.70 11.64 9.99
C ALA B 139 5.81 12.19 11.09
N GLN B 140 4.57 12.57 10.74
CA GLN B 140 3.64 13.08 11.74
C GLN B 140 3.32 12.01 12.78
N GLY B 141 3.08 10.78 12.33
CA GLY B 141 2.75 9.71 13.27
C GLY B 141 3.90 9.41 14.22
N ALA B 142 5.12 9.33 13.69
CA ALA B 142 6.28 9.06 14.55
C ALA B 142 6.46 10.16 15.59
N ALA B 143 6.30 11.42 15.18
CA ALA B 143 6.41 12.52 16.13
C ALA B 143 5.33 12.42 17.20
N ASN B 144 4.13 12.00 16.80
CA ASN B 144 3.05 11.82 17.77
C ASN B 144 3.39 10.74 18.79
N GLY B 145 4.03 9.66 18.34
CA GLY B 145 4.48 8.64 19.27
C GLY B 145 5.54 9.14 20.24
N ILE B 146 6.55 9.85 19.72
CA ILE B 146 7.58 10.40 20.59
C ILE B 146 6.98 11.37 21.59
N ASN B 147 6.06 12.23 21.12
CA ASN B 147 5.40 13.17 22.02
C ASN B 147 4.69 12.44 23.16
N PHE B 148 4.00 11.35 22.85
CA PHE B 148 3.32 10.59 23.89
C PHE B 148 4.32 10.05 24.91
N LEU B 149 5.47 9.56 24.45
CA LEU B 149 6.49 9.06 25.37
C LEU B 149 7.02 10.18 26.26
N HIS B 150 7.36 11.31 25.67
CA HIS B 150 7.88 12.43 26.45
C HIS B 150 6.81 12.97 27.40
N GLU B 151 5.56 13.05 26.94
CA GLU B 151 4.47 13.47 27.82
C GLU B 151 4.36 12.55 29.03
N ASN B 152 4.73 11.28 28.87
CA ASN B 152 4.76 10.32 29.97
C ASN B 152 6.14 10.21 30.60
N HIS B 153 6.98 11.22 30.45
CA HIS B 153 8.27 11.33 31.15
C HIS B 153 9.20 10.17 30.81
N HIS B 154 9.20 9.74 29.54
CA HIS B 154 10.09 8.69 29.09
C HIS B 154 10.98 9.22 27.97
N ILE B 155 12.27 8.92 28.06
CA ILE B 155 13.24 9.19 27.01
C ILE B 155 13.48 7.88 26.27
N HIS B 156 13.40 7.91 24.93
CA HIS B 156 13.50 6.67 24.18
C HIS B 156 14.94 6.15 24.12
N ARG B 157 15.87 7.00 23.70
CA ARG B 157 17.32 6.76 23.62
C ARG B 157 17.74 5.91 22.43
N ASP B 158 16.82 5.42 21.61
CA ASP B 158 17.19 4.62 20.44
C ASP B 158 16.30 4.96 19.25
N ILE B 159 16.03 6.26 19.05
CA ILE B 159 15.19 6.66 17.93
C ILE B 159 15.97 6.53 16.63
N LYS B 160 15.40 5.79 15.68
CA LYS B 160 15.97 5.57 14.35
C LYS B 160 14.90 4.94 13.48
N SER B 161 15.15 4.95 12.16
CA SER B 161 14.13 4.49 11.23
C SER B 161 13.92 2.98 11.31
N ALA B 162 14.93 2.22 11.76
CA ALA B 162 14.73 0.80 11.99
C ALA B 162 13.77 0.54 13.15
N ASN B 163 13.56 1.52 14.02
CA ASN B 163 12.67 1.40 15.17
C ASN B 163 11.35 2.14 14.96
N ILE B 164 11.04 2.50 13.72
CA ILE B 164 9.73 3.02 13.37
C ILE B 164 9.08 1.98 12.47
N LEU B 165 8.06 1.30 12.98
CA LEU B 165 7.41 0.24 12.24
C LEU B 165 6.13 0.76 11.61
N LEU B 166 5.61 -0.01 10.65
CA LEU B 166 4.51 0.42 9.82
C LEU B 166 3.45 -0.68 9.75
N ASP B 167 2.22 -0.34 10.09
CA ASP B 167 1.14 -1.33 10.06
C ASP B 167 0.54 -1.38 8.66
N GLU B 168 -0.59 -2.08 8.52
CA GLU B 168 -1.16 -2.33 7.19
C GLU B 168 -1.52 -1.03 6.46
N ALA B 169 -1.85 0.02 7.21
CA ALA B 169 -2.17 1.33 6.64
C ALA B 169 -0.97 2.28 6.65
N PHE B 170 0.23 1.76 6.94
CA PHE B 170 1.45 2.59 7.04
C PHE B 170 1.35 3.62 8.14
N THR B 171 0.60 3.31 9.20
CA THR B 171 0.67 4.09 10.43
C THR B 171 2.00 3.81 11.12
N ALA B 172 2.68 4.87 11.54
CA ALA B 172 4.00 4.73 12.14
C ALA B 172 3.87 4.33 13.61
N LYS B 173 4.68 3.35 14.02
CA LYS B 173 4.68 2.84 15.39
C LYS B 173 6.11 2.83 15.93
N ILE B 174 6.36 3.63 16.96
CA ILE B 174 7.67 3.61 17.61
C ILE B 174 7.84 2.30 18.39
N SER B 175 9.03 1.71 18.32
CA SER B 175 9.30 0.46 19.00
C SER B 175 10.63 0.53 19.74
N ASP B 176 11.00 -0.59 20.37
CA ASP B 176 12.30 -0.78 21.02
C ASP B 176 12.54 0.14 22.22
N PHE B 177 11.83 -0.10 23.33
CA PHE B 177 11.92 0.72 24.53
C PHE B 177 12.87 0.14 25.60
N GLY B 178 13.71 -0.83 25.24
CA GLY B 178 14.56 -1.46 26.23
C GLY B 178 15.58 -0.54 26.88
N LEU B 179 15.94 0.55 26.21
CA LEU B 179 16.89 1.52 26.71
C LEU B 179 16.22 2.72 27.35
N ALA B 180 14.90 2.74 27.40
CA ALA B 180 14.17 3.93 27.82
C ALA B 180 14.50 4.29 29.26
N ARG B 181 14.49 5.60 29.54
CA ARG B 181 14.73 6.13 30.86
C ARG B 181 13.60 7.06 31.25
N ALA B 182 13.20 7.00 32.52
CA ALA B 182 12.10 7.83 33.01
C ALA B 182 12.59 9.25 33.32
N TPO B 189 19.09 16.71 33.00
CA TPO B 189 20.10 15.85 32.33
CB TPO B 189 21.13 16.68 31.57
CG2 TPO B 189 21.29 16.27 30.12
OG1 TPO B 189 20.71 18.08 31.63
P TPO B 189 20.01 18.95 30.46
O1P TPO B 189 19.52 20.19 31.15
O2P TPO B 189 18.88 18.11 29.90
O3P TPO B 189 21.10 19.24 29.44
C TPO B 189 20.78 14.98 33.37
O TPO B 189 21.10 15.49 34.45
N VAL B 190 20.99 13.70 33.07
CA VAL B 190 21.73 12.79 33.99
C VAL B 190 22.89 12.21 33.19
N MET B 191 23.90 11.65 33.86
CA MET B 191 25.09 11.11 33.14
C MET B 191 25.18 9.60 33.36
N TPO B 192 25.53 8.83 32.33
CA TPO B 192 25.73 7.38 32.52
CB TPO B 192 24.67 6.55 31.80
CG2 TPO B 192 24.70 6.72 30.30
OG1 TPO B 192 24.95 5.13 32.08
P TPO B 192 23.96 4.24 32.97
O1P TPO B 192 24.84 3.53 33.98
O2P TPO B 192 23.00 5.21 33.62
O3P TPO B 192 23.29 3.27 32.02
C TPO B 192 27.12 6.97 32.04
O TPO B 192 27.69 7.67 31.20
N SEP B 193 27.62 5.85 32.57
CA SEP B 193 28.95 5.34 32.18
CB SEP B 193 29.55 4.63 33.36
OG SEP B 193 28.82 3.41 33.59
C SEP B 193 28.79 4.40 30.99
O SEP B 193 29.79 4.13 30.31
P SEP B 193 28.28 3.10 35.07
O1P SEP B 193 27.29 4.20 35.38
O2P SEP B 193 29.50 3.13 35.96
O3P SEP B 193 27.65 1.72 35.00
N ARG B 194 27.56 3.91 30.77
CA ARG B 194 27.30 2.95 29.66
C ARG B 194 26.78 3.71 28.45
N ILE B 195 27.63 3.92 27.46
CA ILE B 195 27.23 4.68 26.24
C ILE B 195 26.65 3.66 25.26
N VAL B 196 25.35 3.75 25.02
CA VAL B 196 24.68 2.78 24.16
C VAL B 196 23.74 3.51 23.22
N GLY B 197 23.50 2.90 22.05
CA GLY B 197 22.71 3.51 21.01
C GLY B 197 23.30 3.26 19.64
N THR B 198 22.68 3.82 18.60
CA THR B 198 23.15 3.67 17.22
C THR B 198 23.86 4.98 16.84
N THR B 199 25.17 4.90 16.65
CA THR B 199 25.98 6.12 16.62
C THR B 199 25.65 7.03 15.44
N ALA B 200 25.13 6.47 14.34
CA ALA B 200 24.78 7.28 13.18
C ALA B 200 23.57 8.17 13.45
N TYR B 201 22.80 7.90 14.50
CA TYR B 201 21.64 8.72 14.85
C TYR B 201 21.84 9.54 16.09
N MET B 202 22.94 9.33 16.84
CA MET B 202 23.02 9.84 18.20
C MET B 202 23.45 11.29 18.24
N ALA B 203 22.81 12.05 19.13
CA ALA B 203 23.23 13.42 19.41
C ALA B 203 24.63 13.42 20.03
N PRO B 204 25.39 14.50 19.86
CA PRO B 204 26.75 14.51 20.43
C PRO B 204 26.76 14.24 21.92
N GLU B 205 25.86 14.88 22.67
CA GLU B 205 25.83 14.68 24.12
C GLU B 205 25.44 13.26 24.47
N ALA B 206 24.63 12.60 23.63
CA ALA B 206 24.32 11.19 23.86
C ALA B 206 25.55 10.31 23.66
N LEU B 207 26.40 10.68 22.69
CA LEU B 207 27.66 9.97 22.51
C LEU B 207 28.59 10.12 23.71
N ARG B 208 28.37 11.16 24.54
CA ARG B 208 29.16 11.37 25.74
C ARG B 208 28.63 10.64 26.96
N GLY B 209 27.39 10.16 26.92
CA GLY B 209 26.76 9.56 28.08
C GLY B 209 25.67 10.38 28.71
N GLU B 210 25.35 11.55 28.18
CA GLU B 210 24.23 12.33 28.72
C GLU B 210 22.91 11.69 28.34
N ILE B 211 21.93 11.80 29.23
CA ILE B 211 20.61 11.21 29.06
C ILE B 211 19.60 12.35 29.15
N THR B 212 19.14 12.83 28.00
CA THR B 212 18.16 13.90 27.95
C THR B 212 17.17 13.65 26.82
N PRO B 213 15.91 14.06 26.99
CA PRO B 213 14.95 13.94 25.88
C PRO B 213 15.35 14.73 24.65
N LYS B 214 16.19 15.76 24.79
CA LYS B 214 16.66 16.50 23.64
C LYS B 214 17.46 15.63 22.67
N SER B 215 18.03 14.53 23.16
CA SER B 215 18.73 13.61 22.27
C SER B 215 17.76 12.87 21.36
N ASP B 216 16.54 12.58 21.85
CA ASP B 216 15.53 11.97 20.98
C ASP B 216 15.17 12.89 19.82
N ILE B 217 15.09 14.19 20.07
CA ILE B 217 14.76 15.14 19.02
C ILE B 217 15.83 15.14 17.93
N TYR B 218 17.11 15.14 18.33
CA TYR B 218 18.20 15.08 17.38
C TYR B 218 18.10 13.83 16.51
N SER B 219 17.91 12.67 17.14
CA SER B 219 17.79 11.42 16.39
C SER B 219 16.60 11.46 15.45
N PHE B 220 15.50 12.10 15.86
CA PHE B 220 14.36 12.27 14.96
C PHE B 220 14.71 13.14 13.77
N GLY B 221 15.58 14.12 13.95
CA GLY B 221 16.02 14.93 12.82
C GLY B 221 16.76 14.11 11.79
N VAL B 222 17.55 13.14 12.25
CA VAL B 222 18.21 12.24 11.30
C VAL B 222 17.18 11.42 10.55
N VAL B 223 16.16 10.92 11.26
CA VAL B 223 15.09 10.18 10.59
C VAL B 223 14.40 11.04 9.54
N LEU B 224 14.18 12.33 9.85
CA LEU B 224 13.55 13.21 8.87
C LEU B 224 14.43 13.38 7.64
N LEU B 225 15.75 13.42 7.82
CA LEU B 225 16.66 13.45 6.67
C LEU B 225 16.55 12.17 5.86
N GLU B 226 16.40 11.02 6.53
CA GLU B 226 16.23 9.76 5.81
C GLU B 226 14.93 9.78 4.99
N ILE B 227 13.87 10.36 5.56
CA ILE B 227 12.60 10.43 4.86
C ILE B 227 12.72 11.31 3.61
N ILE B 228 13.36 12.46 3.75
CA ILE B 228 13.49 13.40 2.64
C ILE B 228 14.33 12.82 1.51
N THR B 229 15.44 12.17 1.87
CA THR B 229 16.45 11.79 0.90
C THR B 229 16.38 10.34 0.45
N GLY B 230 15.74 9.47 1.24
CA GLY B 230 15.80 8.05 0.96
C GLY B 230 17.15 7.43 1.22
N LEU B 231 18.09 8.18 1.80
CA LEU B 231 19.43 7.69 2.05
C LEU B 231 19.53 7.16 3.49
N PRO B 232 20.22 6.04 3.70
CA PRO B 232 20.45 5.56 5.06
C PRO B 232 21.34 6.52 5.85
N ALA B 233 21.14 6.51 7.17
CA ALA B 233 21.91 7.39 8.04
C ALA B 233 23.41 7.14 7.93
N VAL B 234 23.83 5.91 7.64
CA VAL B 234 25.22 5.58 7.40
C VAL B 234 25.31 4.61 6.24
N ASP B 235 26.35 4.78 5.41
CA ASP B 235 26.57 3.92 4.25
C ASP B 235 28.05 3.97 3.93
N GLU B 236 28.75 2.84 4.04
CA GLU B 236 30.20 2.83 3.86
C GLU B 236 30.59 3.27 2.45
N HIS B 237 29.84 2.85 1.44
CA HIS B 237 30.20 3.10 0.06
C HIS B 237 29.67 4.44 -0.44
N ARG B 238 29.41 5.39 0.45
CA ARG B 238 28.89 6.70 0.09
C ARG B 238 29.81 7.80 0.62
N GLU B 239 29.94 8.88 -0.15
CA GLU B 239 30.62 10.08 0.31
C GLU B 239 29.61 11.21 0.40
N PRO B 240 29.35 11.77 1.58
CA PRO B 240 29.91 11.36 2.87
C PRO B 240 29.20 10.14 3.43
N GLN B 241 29.91 9.40 4.28
CA GLN B 241 29.39 8.14 4.79
C GLN B 241 28.26 8.36 5.79
N LEU B 242 28.21 9.51 6.45
CA LEU B 242 27.20 9.79 7.46
C LEU B 242 26.21 10.82 6.92
N LEU B 243 24.92 10.52 7.06
CA LEU B 243 23.89 11.37 6.48
C LEU B 243 23.88 12.76 7.13
N LEU B 244 24.12 12.81 8.45
CA LEU B 244 24.06 14.11 9.12
C LEU B 244 25.10 15.09 8.58
N ASP B 245 26.17 14.58 7.95
CA ASP B 245 27.12 15.46 7.28
C ASP B 245 26.48 16.23 6.13
N ILE B 246 25.37 15.74 5.59
CA ILE B 246 24.68 16.44 4.50
C ILE B 246 24.23 17.83 4.95
N LYS B 247 23.79 17.95 6.20
CA LYS B 247 23.29 19.24 6.68
C LYS B 247 24.36 20.31 6.62
N GLU B 248 25.60 19.96 6.98
CA GLU B 248 26.68 20.93 6.92
C GLU B 248 27.07 21.26 5.48
N GLU B 249 26.98 20.28 4.58
CA GLU B 249 27.27 20.54 3.17
C GLU B 249 26.22 21.45 2.55
N ILE B 250 24.95 21.32 2.95
CA ILE B 250 23.92 22.25 2.49
C ILE B 250 24.11 23.62 3.13
N GLU B 251 24.43 23.66 4.42
CA GLU B 251 24.61 24.94 5.11
C GLU B 251 25.79 25.72 4.56
N ASP B 252 26.84 25.03 4.13
CA ASP B 252 27.98 25.67 3.47
C ASP B 252 27.75 25.87 1.98
N GLU B 253 26.54 25.55 1.50
CA GLU B 253 26.18 25.60 0.09
C GLU B 253 27.21 24.90 -0.79
N GLU B 254 27.61 23.70 -0.38
CA GLU B 254 28.31 22.80 -1.28
C GLU B 254 27.33 21.98 -2.11
N LYS B 255 26.13 21.74 -1.56
CA LYS B 255 24.98 21.21 -2.29
C LYS B 255 23.74 21.88 -1.72
N THR B 256 22.57 21.54 -2.27
CA THR B 256 21.30 22.00 -1.73
C THR B 256 20.45 20.79 -1.36
N ILE B 257 19.38 21.04 -0.60
CA ILE B 257 18.49 19.94 -0.21
C ILE B 257 17.81 19.36 -1.44
N GLU B 258 17.48 20.20 -2.42
CA GLU B 258 16.88 19.70 -3.66
C GLU B 258 17.82 18.75 -4.39
N ASP B 259 19.13 18.93 -4.25
CA ASP B 259 20.08 17.98 -4.81
C ASP B 259 19.98 16.62 -4.14
N TYR B 260 19.44 16.56 -2.92
CA TYR B 260 19.40 15.32 -2.15
C TYR B 260 18.02 14.71 -2.02
N ILE B 261 16.98 15.38 -2.53
CA ILE B 261 15.62 14.84 -2.42
C ILE B 261 15.56 13.48 -3.08
N ASP B 262 14.89 12.53 -2.42
CA ASP B 262 14.70 11.20 -3.00
C ASP B 262 14.08 11.31 -4.39
N LYS B 263 14.79 10.78 -5.39
CA LYS B 263 14.26 10.78 -6.74
C LYS B 263 13.11 9.80 -6.92
N LYS B 264 12.88 8.90 -5.96
CA LYS B 264 11.87 7.85 -6.11
C LYS B 264 10.52 8.31 -5.58
N MET B 265 10.11 9.51 -6.01
CA MET B 265 8.84 10.13 -5.66
C MET B 265 8.42 10.97 -6.86
N ASN B 266 7.11 11.11 -7.02
CA ASN B 266 6.57 12.01 -8.04
C ASN B 266 5.62 13.06 -7.48
N ASP B 267 5.43 13.12 -6.16
CA ASP B 267 4.47 14.02 -5.55
C ASP B 267 5.10 14.91 -4.49
N ALA B 268 6.41 15.14 -4.57
CA ALA B 268 7.14 15.94 -3.59
C ALA B 268 7.33 17.35 -4.15
N ASP B 269 6.50 18.28 -3.68
CA ASP B 269 6.69 19.68 -4.01
C ASP B 269 7.82 20.28 -3.16
N SER B 270 8.55 21.23 -3.76
CA SER B 270 9.76 21.74 -3.14
C SER B 270 9.47 22.47 -1.82
N THR B 271 8.33 23.15 -1.71
CA THR B 271 8.13 23.97 -0.51
C THR B 271 7.73 23.15 0.71
N SER B 272 7.04 22.02 0.53
CA SER B 272 6.77 21.16 1.68
C SER B 272 7.99 20.33 2.05
N VAL B 273 8.81 19.97 1.06
CA VAL B 273 10.08 19.30 1.36
C VAL B 273 10.98 20.24 2.17
N GLU B 274 11.06 21.51 1.75
CA GLU B 274 11.85 22.48 2.49
C GLU B 274 11.28 22.72 3.88
N ALA B 275 9.96 22.61 4.05
CA ALA B 275 9.39 22.72 5.38
C ALA B 275 9.85 21.58 6.29
N MET B 276 9.87 20.34 5.76
CA MET B 276 10.36 19.22 6.56
C MET B 276 11.84 19.35 6.84
N TYR B 277 12.62 19.81 5.86
CA TYR B 277 14.04 19.99 6.08
C TYR B 277 14.31 21.05 7.14
N SER B 278 13.51 22.11 7.13
CA SER B 278 13.62 23.12 8.18
C SER B 278 13.40 22.50 9.55
N VAL B 279 12.39 21.64 9.69
CA VAL B 279 12.16 20.96 10.95
C VAL B 279 13.37 20.08 11.31
N ALA B 280 13.86 19.33 10.32
CA ALA B 280 15.02 18.47 10.57
C ALA B 280 16.23 19.29 10.98
N SER B 281 16.45 20.42 10.30
CA SER B 281 17.60 21.27 10.63
C SER B 281 17.53 21.76 12.08
N GLN B 282 16.33 22.16 12.52
CA GLN B 282 16.17 22.60 13.91
C GLN B 282 16.40 21.45 14.90
N CYS B 283 15.90 20.25 14.60
CA CYS B 283 16.17 19.11 15.46
C CYS B 283 17.66 18.80 15.53
N LEU B 284 18.42 19.12 14.48
CA LEU B 284 19.83 18.77 14.44
C LEU B 284 20.74 19.88 14.92
N HIS B 285 20.19 20.90 15.59
CA HIS B 285 21.01 21.89 16.28
C HIS B 285 21.96 21.17 17.22
N GLU B 286 23.25 21.49 17.11
CA GLU B 286 24.23 20.69 17.83
C GLU B 286 24.22 21.02 19.32
N LYS B 287 23.81 22.23 19.70
CA LYS B 287 23.61 22.60 21.09
C LYS B 287 22.20 22.18 21.48
N LYS B 288 22.09 21.27 22.46
CA LYS B 288 20.84 20.58 22.71
C LYS B 288 19.71 21.56 23.08
N ASN B 289 20.04 22.66 23.75
CA ASN B 289 18.97 23.54 24.22
C ASN B 289 18.42 24.45 23.12
N LYS B 290 19.07 24.52 21.96
CA LYS B 290 18.50 25.21 20.81
C LYS B 290 17.56 24.35 19.99
N ARG B 291 17.55 23.04 20.21
CA ARG B 291 16.61 22.17 19.51
C ARG B 291 15.19 22.41 20.00
N PRO B 292 14.20 22.31 19.12
CA PRO B 292 12.81 22.38 19.56
C PRO B 292 12.44 21.15 20.37
N ASP B 293 11.42 21.30 21.21
CA ASP B 293 10.86 20.15 21.88
C ASP B 293 9.83 19.47 20.97
N ILE B 294 9.42 18.27 21.38
CA ILE B 294 8.63 17.42 20.48
C ILE B 294 7.29 18.05 20.15
N LYS B 295 6.76 18.89 21.05
CA LYS B 295 5.49 19.55 20.75
C LYS B 295 5.61 20.49 19.56
N LYS B 296 6.67 21.30 19.52
CA LYS B 296 6.85 22.20 18.39
C LYS B 296 7.18 21.42 17.12
N VAL B 297 7.94 20.33 17.25
CA VAL B 297 8.14 19.45 16.10
C VAL B 297 6.80 18.95 15.58
N GLN B 298 5.92 18.54 16.51
CA GLN B 298 4.57 18.13 16.14
C GLN B 298 3.82 19.26 15.42
N GLN B 299 3.85 20.47 15.98
CA GLN B 299 3.14 21.59 15.37
C GLN B 299 3.72 21.94 14.01
N LEU B 300 5.05 21.99 13.90
CA LEU B 300 5.68 22.31 12.63
C LEU B 300 5.34 21.28 11.56
N LEU B 301 5.33 20.00 11.94
CA LEU B 301 4.98 18.95 10.99
C LEU B 301 3.53 19.08 10.50
N GLN B 302 2.61 19.43 11.41
CA GLN B 302 1.23 19.68 10.98
C GLN B 302 1.14 20.95 10.15
N GLU B 303 1.92 21.98 10.52
CA GLU B 303 2.01 23.19 9.72
C GLU B 303 2.45 22.89 8.29
N MET B 304 3.31 21.88 8.13
CA MET B 304 3.88 21.55 6.82
C MET B 304 2.81 21.10 5.84
N THR B 305 1.85 20.30 6.30
CA THR B 305 0.80 19.77 5.44
C THR B 305 -0.51 20.56 5.55
N ALA B 306 -0.53 21.63 6.35
CA ALA B 306 -1.74 22.43 6.49
C ALA B 306 -1.89 23.40 5.32
N ARG C 11 10.23 -19.31 -24.17
CA ARG C 11 8.78 -19.18 -24.14
C ARG C 11 8.24 -19.64 -22.80
N PHE C 12 7.17 -20.44 -22.84
CA PHE C 12 6.58 -21.00 -21.63
C PHE C 12 7.30 -22.28 -21.23
N HIS C 13 7.49 -22.47 -19.93
CA HIS C 13 8.17 -23.65 -19.41
C HIS C 13 7.16 -24.76 -19.19
N SER C 14 7.49 -25.98 -19.63
CA SER C 14 6.60 -27.11 -19.48
C SER C 14 6.91 -27.79 -18.14
N PHE C 15 6.02 -27.63 -17.17
CA PHE C 15 6.12 -28.31 -15.89
C PHE C 15 5.49 -29.68 -15.97
N SER C 16 5.96 -30.59 -15.12
CA SER C 16 5.23 -31.81 -14.85
C SER C 16 4.27 -31.58 -13.69
N PHE C 17 3.20 -32.38 -13.64
CA PHE C 17 2.27 -32.27 -12.53
C PHE C 17 2.97 -32.53 -11.20
N TYR C 18 3.89 -33.49 -11.19
CA TYR C 18 4.63 -33.80 -9.96
C TYR C 18 5.51 -32.65 -9.51
N GLU C 19 6.11 -31.93 -10.46
CA GLU C 19 6.88 -30.74 -10.09
C GLU C 19 5.98 -29.71 -9.41
N LEU C 20 4.77 -29.52 -9.92
CA LEU C 20 3.89 -28.50 -9.35
C LEU C 20 3.35 -28.92 -7.99
N LYS C 21 3.26 -30.23 -7.73
CA LYS C 21 2.97 -30.67 -6.37
C LYS C 21 4.09 -30.28 -5.42
N ASN C 22 5.34 -30.42 -5.87
CA ASN C 22 6.47 -29.97 -5.06
C ASN C 22 6.54 -28.45 -4.93
N VAL C 23 5.81 -27.73 -5.79
CA VAL C 23 5.77 -26.27 -5.71
C VAL C 23 4.64 -25.80 -4.79
N THR C 24 3.58 -26.58 -4.64
CA THR C 24 2.36 -26.14 -3.96
C THR C 24 2.08 -26.93 -2.69
N ASN C 25 3.11 -27.55 -2.10
CA ASN C 25 2.94 -28.43 -0.94
C ASN C 25 1.86 -29.48 -1.23
N ASN C 26 2.00 -30.16 -2.38
CA ASN C 26 1.03 -31.16 -2.82
C ASN C 26 -0.38 -30.58 -2.94
N PHE C 27 -0.48 -29.38 -3.49
CA PHE C 27 -1.76 -28.67 -3.66
C PHE C 27 -2.56 -28.66 -2.36
N ASP C 28 -1.92 -28.13 -1.32
CA ASP C 28 -2.51 -27.97 0.00
C ASP C 28 -3.75 -27.09 -0.08
N GLU C 29 -4.92 -27.68 0.15
CA GLU C 29 -6.18 -26.97 -0.05
C GLU C 29 -6.59 -26.11 1.14
N ARG C 30 -5.87 -26.17 2.26
CA ARG C 30 -6.10 -25.22 3.34
C ARG C 30 -5.82 -23.80 2.82
N PRO C 31 -6.57 -22.80 3.29
CA PRO C 31 -6.34 -21.43 2.83
C PRO C 31 -4.97 -20.95 3.26
N ILE C 32 -4.41 -20.00 2.50
CA ILE C 32 -3.09 -19.47 2.83
C ILE C 32 -3.09 -18.77 4.18
N SER C 33 -4.27 -18.32 4.65
CA SER C 33 -4.35 -17.64 5.94
C SER C 33 -4.07 -18.56 7.12
N VAL C 34 -4.05 -19.88 6.91
CA VAL C 34 -3.76 -20.83 7.99
C VAL C 34 -2.50 -21.65 7.70
N GLY C 35 -1.72 -21.26 6.70
CA GLY C 35 -0.52 -21.98 6.35
C GLY C 35 -0.65 -22.94 5.18
N GLY C 36 -1.82 -22.99 4.54
CA GLY C 36 -2.01 -23.81 3.36
C GLY C 36 -1.56 -23.08 2.11
N ASN C 37 -2.01 -23.58 0.96
CA ASN C 37 -1.63 -23.01 -0.32
C ASN C 37 -2.80 -22.52 -1.16
N LYS C 38 -4.04 -22.72 -0.72
CA LYS C 38 -5.18 -22.32 -1.54
C LYS C 38 -5.43 -20.82 -1.40
N MET C 39 -5.50 -20.13 -2.54
CA MET C 39 -5.71 -18.68 -2.58
C MET C 39 -7.09 -18.27 -3.07
N GLY C 40 -7.75 -19.11 -3.85
CA GLY C 40 -9.06 -18.77 -4.37
C GLY C 40 -9.50 -19.86 -5.33
N GLU C 41 -10.71 -19.69 -5.85
CA GLU C 41 -11.24 -20.68 -6.78
C GLU C 41 -12.27 -19.99 -7.67
N GLY C 42 -12.62 -20.68 -8.74
CA GLY C 42 -13.67 -20.23 -9.64
C GLY C 42 -14.35 -21.42 -10.26
N GLY C 43 -15.10 -21.19 -11.34
CA GLY C 43 -15.79 -22.29 -12.00
C GLY C 43 -14.87 -23.24 -12.74
N PHE C 44 -13.65 -22.81 -13.05
CA PHE C 44 -12.75 -23.61 -13.88
C PHE C 44 -11.51 -24.11 -13.15
N GLY C 45 -11.38 -23.83 -11.86
CA GLY C 45 -10.27 -24.40 -11.11
C GLY C 45 -10.00 -23.63 -9.84
N VAL C 46 -8.96 -24.10 -9.14
CA VAL C 46 -8.55 -23.54 -7.86
C VAL C 46 -7.13 -23.00 -8.02
N VAL C 47 -6.88 -21.84 -7.43
CA VAL C 47 -5.59 -21.15 -7.56
C VAL C 47 -4.79 -21.35 -6.28
N TYR C 48 -3.56 -21.82 -6.43
CA TYR C 48 -2.67 -22.10 -5.32
C TYR C 48 -1.45 -21.20 -5.35
N LYS C 49 -0.94 -20.87 -4.17
CA LYS C 49 0.35 -20.21 -4.05
C LYS C 49 1.45 -21.26 -4.08
N GLY C 50 2.56 -20.94 -4.76
CA GLY C 50 3.68 -21.85 -4.84
C GLY C 50 4.99 -21.11 -4.84
N TYR C 51 6.08 -21.88 -4.78
CA TYR C 51 7.43 -21.31 -4.77
C TYR C 51 8.31 -22.09 -5.74
N VAL C 52 9.01 -21.35 -6.60
CA VAL C 52 10.01 -21.90 -7.50
C VAL C 52 11.29 -21.12 -7.25
N ASN C 53 12.24 -21.74 -6.56
CA ASN C 53 13.47 -21.07 -6.10
C ASN C 53 13.02 -19.89 -5.24
N ASN C 54 13.38 -18.66 -5.57
CA ASN C 54 12.96 -17.48 -4.82
C ASN C 54 11.79 -16.77 -5.48
N THR C 55 11.12 -17.42 -6.42
CA THR C 55 10.01 -16.82 -7.15
C THR C 55 8.70 -17.36 -6.58
N THR C 56 7.87 -16.48 -6.03
CA THR C 56 6.51 -16.86 -5.67
C THR C 56 5.66 -16.90 -6.93
N VAL C 57 4.88 -17.97 -7.08
CA VAL C 57 4.04 -18.17 -8.26
C VAL C 57 2.61 -18.46 -7.85
N ALA C 58 1.71 -18.32 -8.81
CA ALA C 58 0.32 -18.76 -8.67
C ALA C 58 0.09 -19.91 -9.63
N VAL C 59 -0.51 -20.98 -9.13
CA VAL C 59 -0.73 -22.19 -9.91
C VAL C 59 -2.23 -22.45 -9.94
N LYS C 60 -2.83 -22.33 -11.12
CA LYS C 60 -4.24 -22.64 -11.29
C LYS C 60 -4.34 -24.10 -11.73
N LYS C 61 -4.92 -24.94 -10.86
CA LYS C 61 -5.18 -26.33 -11.21
C LYS C 61 -6.61 -26.39 -11.74
N LEU C 62 -6.74 -26.71 -13.02
CA LEU C 62 -8.05 -26.69 -13.68
C LEU C 62 -8.92 -27.84 -13.18
N ALA C 63 -10.20 -27.56 -13.01
CA ALA C 63 -11.18 -28.56 -12.61
C ALA C 63 -12.57 -28.06 -12.99
N ALA C 64 -13.42 -28.98 -13.43
CA ALA C 64 -14.79 -28.64 -13.83
C ALA C 64 -15.63 -28.45 -12.57
N MET C 65 -15.50 -27.26 -11.99
CA MET C 65 -16.26 -26.91 -10.79
C MET C 65 -17.68 -26.45 -11.10
N VAL C 66 -17.99 -26.20 -12.36
CA VAL C 66 -19.33 -25.80 -12.78
C VAL C 66 -19.96 -26.83 -13.73
N ILE C 68 -18.75 -28.83 -16.43
CA ILE C 68 -18.47 -28.76 -17.86
C ILE C 68 -17.62 -29.97 -18.25
N THR C 69 -17.58 -30.24 -19.54
CA THR C 69 -16.86 -31.42 -20.03
C THR C 69 -15.36 -31.21 -19.94
N THR C 70 -14.64 -32.34 -19.86
CA THR C 70 -13.17 -32.28 -19.86
C THR C 70 -12.65 -31.74 -21.19
N GLU C 71 -13.33 -32.07 -22.30
CA GLU C 71 -12.94 -31.52 -23.59
C GLU C 71 -13.06 -30.00 -23.61
N GLU C 72 -14.14 -29.48 -23.03
CA GLU C 72 -14.29 -28.03 -22.92
C GLU C 72 -13.23 -27.44 -22.00
N LEU C 73 -12.91 -28.14 -20.91
CA LEU C 73 -11.83 -27.68 -20.04
C LEU C 73 -10.50 -27.61 -20.78
N LYS C 74 -10.23 -28.62 -21.62
CA LYS C 74 -8.97 -28.64 -22.36
C LYS C 74 -8.93 -27.53 -23.41
N GLN C 75 -10.07 -27.23 -24.04
CA GLN C 75 -10.09 -26.15 -25.01
C GLN C 75 -9.80 -24.80 -24.35
N GLN C 76 -10.34 -24.59 -23.15
CA GLN C 76 -10.07 -23.34 -22.43
C GLN C 76 -8.62 -23.29 -21.96
N PHE C 77 -8.07 -24.43 -21.54
CA PHE C 77 -6.65 -24.50 -21.22
C PHE C 77 -5.80 -24.10 -22.42
N ASP C 78 -6.11 -24.66 -23.60
CA ASP C 78 -5.37 -24.30 -24.80
C ASP C 78 -5.55 -22.83 -25.14
N GLN C 79 -6.74 -22.29 -24.88
CA GLN C 79 -7.01 -20.89 -25.21
C GLN C 79 -6.22 -19.94 -24.32
N GLU C 80 -6.13 -20.25 -23.02
CA GLU C 80 -5.32 -19.44 -22.11
C GLU C 80 -3.90 -19.33 -22.66
N ILE C 81 -3.29 -20.46 -23.02
CA ILE C 81 -1.91 -20.45 -23.49
C ILE C 81 -1.77 -19.68 -24.79
N LYS C 82 -2.72 -19.86 -25.71
CA LYS C 82 -2.64 -19.17 -27.00
C LYS C 82 -2.73 -17.66 -26.82
N VAL C 83 -3.59 -17.20 -25.92
CA VAL C 83 -3.73 -15.76 -25.69
C VAL C 83 -2.49 -15.21 -24.99
N MET C 84 -2.01 -15.91 -23.96
CA MET C 84 -0.82 -15.48 -23.24
C MET C 84 0.40 -15.46 -24.15
N ALA C 85 0.49 -16.42 -25.08
CA ALA C 85 1.62 -16.45 -25.99
C ALA C 85 1.61 -15.25 -26.94
N LYS C 86 0.43 -14.76 -27.32
CA LYS C 86 0.32 -13.65 -28.26
C LYS C 86 0.27 -12.28 -27.58
N CYS C 87 -0.11 -12.21 -26.31
CA CYS C 87 -0.42 -10.94 -25.66
C CYS C 87 0.45 -10.76 -24.41
N GLN C 88 1.45 -9.88 -24.51
CA GLN C 88 2.25 -9.47 -23.36
C GLN C 88 2.02 -7.99 -23.09
N HIS C 89 1.68 -7.65 -21.86
CA HIS C 89 1.31 -6.28 -21.51
C HIS C 89 1.34 -6.12 -19.99
N GLU C 90 1.76 -4.94 -19.53
CA GLU C 90 1.85 -4.69 -18.09
C GLU C 90 0.50 -4.80 -17.39
N ASN C 91 -0.60 -4.65 -18.12
CA ASN C 91 -1.93 -4.77 -17.54
C ASN C 91 -2.60 -6.10 -17.84
N LEU C 92 -1.81 -7.11 -18.19
CA LEU C 92 -2.25 -8.49 -18.31
C LEU C 92 -1.39 -9.37 -17.41
N VAL C 93 -1.98 -10.42 -16.84
CA VAL C 93 -1.16 -11.35 -16.06
C VAL C 93 -0.16 -12.02 -17.00
N GLU C 94 0.94 -12.49 -16.40
CA GLU C 94 1.99 -13.13 -17.17
C GLU C 94 2.03 -14.62 -16.84
N LEU C 95 1.95 -15.45 -17.87
CA LEU C 95 2.08 -16.88 -17.73
C LEU C 95 3.56 -17.26 -17.73
N LEU C 96 3.96 -18.06 -16.75
CA LEU C 96 5.31 -18.61 -16.72
C LEU C 96 5.40 -19.99 -17.34
N GLY C 97 4.36 -20.79 -17.20
CA GLY C 97 4.40 -22.13 -17.74
C GLY C 97 3.11 -22.87 -17.48
N PHE C 98 3.15 -24.17 -17.77
CA PHE C 98 1.95 -24.98 -17.69
C PHE C 98 2.35 -26.44 -17.51
N SER C 99 1.40 -27.25 -17.07
CA SER C 99 1.54 -28.70 -17.05
C SER C 99 0.30 -29.31 -17.67
N SER C 100 0.51 -30.34 -18.49
CA SER C 100 -0.61 -30.95 -19.20
C SER C 100 -0.56 -32.47 -19.22
N ASP C 101 0.36 -33.09 -18.48
CA ASP C 101 0.45 -34.55 -18.46
C ASP C 101 -0.75 -35.11 -17.71
N ASP C 104 -4.82 -33.85 -15.44
CA ASP C 104 -4.47 -32.70 -14.62
C ASP C 104 -3.89 -31.61 -15.52
N LEU C 105 -4.51 -30.44 -15.48
CA LEU C 105 -4.09 -29.29 -16.26
C LEU C 105 -3.78 -28.14 -15.31
N CYS C 106 -2.60 -27.57 -15.43
CA CYS C 106 -2.18 -26.47 -14.57
C CYS C 106 -1.57 -25.34 -15.38
N LEU C 107 -1.84 -24.12 -14.92
CA LEU C 107 -1.25 -22.91 -15.47
C LEU C 107 -0.47 -22.22 -14.35
N VAL C 108 0.74 -21.78 -14.65
CA VAL C 108 1.65 -21.21 -13.65
C VAL C 108 1.92 -19.76 -14.03
N TYR C 109 1.66 -18.86 -13.10
CA TYR C 109 1.75 -17.42 -13.36
C TYR C 109 2.67 -16.74 -12.36
N VAL C 110 3.17 -15.57 -12.79
CA VAL C 110 3.75 -14.62 -11.86
C VAL C 110 2.72 -14.26 -10.80
N TYR C 111 3.14 -14.34 -9.54
CA TYR C 111 2.26 -14.10 -8.41
C TYR C 111 1.93 -12.61 -8.29
N MET C 112 0.67 -12.32 -7.95
CA MET C 112 0.16 -10.96 -7.75
C MET C 112 -0.04 -10.74 -6.27
N PRO C 113 0.86 -10.03 -5.58
CA PRO C 113 0.83 -10.01 -4.10
C PRO C 113 -0.42 -9.40 -3.49
N ASN C 114 -1.12 -8.52 -4.20
CA ASN C 114 -2.28 -7.86 -3.63
C ASN C 114 -3.60 -8.47 -4.09
N GLY C 115 -3.55 -9.66 -4.68
CA GLY C 115 -4.77 -10.41 -4.93
C GLY C 115 -5.67 -9.74 -5.94
N SER C 116 -6.98 -9.98 -5.79
CA SER C 116 -7.96 -9.52 -6.76
C SER C 116 -8.56 -8.19 -6.33
N LEU C 117 -8.99 -7.41 -7.33
CA LEU C 117 -9.73 -6.17 -7.05
C LEU C 117 -10.99 -6.45 -6.23
N LEU C 118 -11.65 -7.56 -6.51
CA LEU C 118 -12.85 -7.93 -5.74
C LEU C 118 -12.54 -7.98 -4.25
N ASP C 119 -11.43 -8.64 -3.89
CA ASP C 119 -11.08 -8.81 -2.49
C ASP C 119 -10.61 -7.50 -1.86
N ARG C 120 -9.88 -6.68 -2.62
CA ARG C 120 -9.43 -5.42 -2.05
C ARG C 120 -10.58 -4.44 -1.88
N LEU C 121 -11.57 -4.48 -2.77
CA LEU C 121 -12.77 -3.64 -2.59
C LEU C 121 -13.54 -4.06 -1.35
N SER C 122 -13.56 -5.36 -1.04
CA SER C 122 -14.26 -5.83 0.15
C SER C 122 -13.38 -5.82 1.39
N CYS C 123 -12.11 -5.42 1.26
CA CYS C 123 -11.16 -5.36 2.38
C CYS C 123 -11.02 -6.73 3.05
N LEU C 124 -11.04 -7.78 2.22
CA LEU C 124 -10.91 -9.13 2.72
C LEU C 124 -9.59 -9.29 3.48
N ASP C 125 -9.66 -10.00 4.61
CA ASP C 125 -8.51 -10.28 5.47
C ASP C 125 -7.90 -9.00 6.05
N GLY C 126 -8.69 -7.93 6.15
CA GLY C 126 -8.27 -6.75 6.88
C GLY C 126 -7.40 -5.77 6.11
N THR C 127 -7.32 -5.88 4.80
CA THR C 127 -6.55 -4.91 4.03
C THR C 127 -7.25 -3.55 4.06
N PRO C 128 -6.48 -2.46 4.02
CA PRO C 128 -7.09 -1.12 4.12
C PRO C 128 -7.89 -0.78 2.86
N PRO C 129 -8.96 0.00 2.99
CA PRO C 129 -9.74 0.39 1.81
C PRO C 129 -8.88 1.13 0.79
N LEU C 130 -9.13 0.85 -0.49
CA LEU C 130 -8.44 1.55 -1.56
C LEU C 130 -8.88 3.01 -1.62
N SER C 131 -7.90 3.90 -1.77
CA SER C 131 -8.23 5.30 -1.94
C SER C 131 -8.88 5.54 -3.29
N TRP C 132 -9.56 6.68 -3.41
CA TRP C 132 -10.15 7.02 -4.71
C TRP C 132 -9.06 7.21 -5.76
N HIS C 133 -7.93 7.78 -5.34
CA HIS C 133 -6.83 8.01 -6.28
C HIS C 133 -6.28 6.68 -6.80
N MET C 134 -6.12 5.68 -5.92
CA MET C 134 -5.72 4.35 -6.37
C MET C 134 -6.77 3.74 -7.28
N ARG C 135 -8.04 3.88 -6.90
CA ARG C 135 -9.13 3.30 -7.67
C ARG C 135 -9.14 3.84 -9.10
N CYS C 136 -8.83 5.12 -9.26
CA CYS C 136 -8.76 5.70 -10.60
C CYS C 136 -7.65 5.07 -11.43
N LYS C 137 -6.45 4.89 -10.86
CA LYS C 137 -5.41 4.27 -11.68
C LYS C 137 -5.67 2.79 -11.91
N ILE C 138 -6.34 2.10 -10.98
CA ILE C 138 -6.72 0.71 -11.24
C ILE C 138 -7.69 0.65 -12.41
N ALA C 139 -8.68 1.55 -12.43
CA ALA C 139 -9.63 1.59 -13.54
C ALA C 139 -8.94 1.88 -14.86
N GLN C 140 -8.02 2.86 -14.89
CA GLN C 140 -7.28 3.14 -16.12
C GLN C 140 -6.42 1.96 -16.53
N GLY C 141 -5.74 1.31 -15.58
CA GLY C 141 -4.92 0.17 -15.93
C GLY C 141 -5.73 -0.98 -16.50
N ALA C 142 -6.88 -1.28 -15.89
CA ALA C 142 -7.73 -2.33 -16.40
C ALA C 142 -8.23 -2.00 -17.81
N ALA C 143 -8.57 -0.74 -18.06
CA ALA C 143 -8.99 -0.32 -19.39
C ALA C 143 -7.87 -0.50 -20.40
N ASN C 144 -6.64 -0.19 -19.99
CA ASN C 144 -5.48 -0.39 -20.87
C ASN C 144 -5.29 -1.85 -21.21
N GLY C 145 -5.46 -2.73 -20.22
CA GLY C 145 -5.36 -4.16 -20.49
C GLY C 145 -6.43 -4.65 -21.46
N ILE C 146 -7.68 -4.22 -21.25
CA ILE C 146 -8.75 -4.60 -22.16
C ILE C 146 -8.49 -4.05 -23.55
N ASN C 147 -8.02 -2.79 -23.63
CA ASN C 147 -7.73 -2.21 -24.93
C ASN C 147 -6.68 -3.01 -25.67
N PHE C 148 -5.64 -3.47 -24.98
CA PHE C 148 -4.61 -4.28 -25.63
C PHE C 148 -5.21 -5.57 -26.18
N LEU C 149 -6.10 -6.22 -25.42
CA LEU C 149 -6.74 -7.44 -25.90
C LEU C 149 -7.56 -7.18 -27.15
N HIS C 150 -8.38 -6.13 -27.12
CA HIS C 150 -9.20 -5.80 -28.28
C HIS C 150 -8.35 -5.37 -29.47
N GLU C 151 -7.26 -4.65 -29.22
CA GLU C 151 -6.35 -4.28 -30.31
C GLU C 151 -5.72 -5.49 -30.97
N ASN C 152 -5.47 -6.55 -30.21
CA ASN C 152 -5.07 -7.84 -30.76
C ASN C 152 -6.25 -8.76 -31.07
N HIS C 153 -7.43 -8.19 -31.27
CA HIS C 153 -8.60 -8.92 -31.79
C HIS C 153 -8.99 -10.10 -30.91
N HIS C 154 -9.02 -9.86 -29.59
CA HIS C 154 -9.49 -10.87 -28.67
C HIS C 154 -10.62 -10.30 -27.81
N ILE C 155 -11.67 -11.10 -27.65
CA ILE C 155 -12.76 -10.80 -26.73
C ILE C 155 -12.56 -11.62 -25.46
N HIS C 156 -12.61 -10.95 -24.30
CA HIS C 156 -12.33 -11.63 -23.04
C HIS C 156 -13.47 -12.55 -22.63
N ARG C 157 -14.70 -12.03 -22.59
CA ARG C 157 -15.96 -12.73 -22.26
C ARG C 157 -16.14 -12.99 -20.77
N ASP C 158 -15.19 -12.63 -19.91
CA ASP C 158 -15.32 -12.88 -18.47
C ASP C 158 -14.75 -11.71 -17.67
N ILE C 159 -14.99 -10.47 -18.10
CA ILE C 159 -14.51 -9.32 -17.35
C ILE C 159 -15.32 -9.17 -16.06
N LYS C 160 -14.61 -9.10 -14.94
CA LYS C 160 -15.21 -8.90 -13.62
C LYS C 160 -14.07 -8.56 -12.65
N SER C 161 -14.45 -8.08 -11.46
CA SER C 161 -13.42 -7.64 -10.53
C SER C 161 -12.61 -8.78 -9.94
N ALA C 162 -13.16 -10.00 -9.90
CA ALA C 162 -12.36 -11.15 -9.49
C ALA C 162 -11.26 -11.50 -10.49
N ASN C 163 -11.40 -11.06 -11.74
CA ASN C 163 -10.41 -11.31 -12.77
C ASN C 163 -9.50 -10.12 -13.03
N ILE C 164 -9.54 -9.11 -12.17
CA ILE C 164 -8.59 -8.02 -12.21
C ILE C 164 -7.70 -8.18 -10.99
N LEU C 165 -6.44 -8.55 -11.20
CA LEU C 165 -5.52 -8.78 -10.11
C LEU C 165 -4.60 -7.59 -9.94
N LEU C 166 -3.91 -7.54 -8.80
CA LEU C 166 -3.15 -6.37 -8.38
C LEU C 166 -1.77 -6.78 -7.91
N ASP C 167 -0.74 -6.18 -8.50
CA ASP C 167 0.64 -6.51 -8.12
C ASP C 167 1.06 -5.70 -6.90
N GLU C 168 2.36 -5.72 -6.59
CA GLU C 168 2.87 -5.07 -5.39
C GLU C 168 2.57 -3.58 -5.37
N ALA C 169 2.56 -2.93 -6.53
CA ALA C 169 2.26 -1.51 -6.66
C ALA C 169 0.81 -1.24 -7.01
N PHE C 170 -0.05 -2.25 -6.91
CA PHE C 170 -1.48 -2.15 -7.22
C PHE C 170 -1.71 -1.79 -8.69
N THR C 171 -0.77 -2.17 -9.55
CA THR C 171 -1.02 -2.16 -10.98
C THR C 171 -2.05 -3.24 -11.31
N ALA C 172 -3.06 -2.87 -12.08
CA ALA C 172 -4.14 -3.79 -12.40
C ALA C 172 -3.75 -4.69 -13.56
N LYS C 173 -4.05 -5.98 -13.44
CA LYS C 173 -3.73 -6.94 -14.48
C LYS C 173 -4.93 -7.83 -14.77
N ILE C 174 -5.39 -7.83 -16.02
CA ILE C 174 -6.49 -8.69 -16.42
C ILE C 174 -6.02 -10.13 -16.46
N SER C 175 -6.89 -11.05 -16.02
CA SER C 175 -6.57 -12.48 -16.02
C SER C 175 -7.75 -13.27 -16.57
N ASP C 176 -7.61 -14.60 -16.56
CA ASP C 176 -8.68 -15.54 -16.91
C ASP C 176 -9.14 -15.48 -18.37
N PHE C 177 -8.29 -15.94 -19.31
CA PHE C 177 -8.56 -15.87 -20.74
C PHE C 177 -9.10 -17.18 -21.31
N GLY C 178 -9.57 -18.09 -20.46
CA GLY C 178 -10.02 -19.40 -20.94
C GLY C 178 -11.21 -19.32 -21.89
N LEU C 179 -12.07 -18.31 -21.71
CA LEU C 179 -13.25 -18.15 -22.55
C LEU C 179 -13.01 -17.20 -23.72
N ALA C 180 -11.79 -16.71 -23.91
CA ALA C 180 -11.52 -15.69 -24.91
C ALA C 180 -11.77 -16.22 -26.32
N ARG C 181 -12.14 -15.31 -27.22
CA ARG C 181 -12.41 -15.63 -28.61
C ARG C 181 -11.80 -14.57 -29.51
N ALA C 182 -11.26 -14.99 -30.64
CA ALA C 182 -10.81 -14.06 -31.66
C ALA C 182 -11.98 -13.56 -32.49
N SER C 183 -11.91 -12.29 -32.92
CA SER C 183 -13.02 -11.69 -33.65
C SER C 183 -12.49 -10.73 -34.71
N VAL C 190 -21.62 -12.86 -34.01
CA VAL C 190 -21.37 -14.27 -33.74
C VAL C 190 -22.28 -14.81 -32.63
N MET C 191 -22.79 -16.03 -32.82
CA MET C 191 -23.66 -16.66 -31.80
C MET C 191 -23.03 -17.97 -31.31
N TPO C 192 -23.37 -18.39 -30.10
CA TPO C 192 -22.87 -19.67 -29.54
CB TPO C 192 -21.68 -19.48 -28.59
CG2 TPO C 192 -21.99 -18.55 -27.44
OG1 TPO C 192 -21.34 -20.79 -28.02
P TPO C 192 -20.14 -21.68 -28.62
O1P TPO C 192 -19.12 -21.78 -27.51
O2P TPO C 192 -20.75 -23.02 -28.95
O3P TPO C 192 -19.62 -20.97 -29.83
C TPO C 192 -24.01 -20.39 -28.82
O TPO C 192 -24.92 -19.72 -28.33
N SEP C 193 -23.95 -21.73 -28.79
CA SEP C 193 -24.98 -22.51 -28.07
CB SEP C 193 -25.10 -23.89 -28.66
OG SEP C 193 -23.83 -24.57 -28.45
C SEP C 193 -24.63 -22.55 -26.57
O SEP C 193 -25.56 -22.52 -25.75
P SEP C 193 -23.13 -25.30 -29.71
O1P SEP C 193 -22.91 -24.20 -30.73
O2P SEP C 193 -24.09 -26.35 -30.17
O3P SEP C 193 -21.83 -25.87 -29.17
N ARG C 194 -23.34 -22.60 -26.26
CA ARG C 194 -22.89 -22.64 -24.85
C ARG C 194 -22.81 -21.22 -24.29
N ILE C 195 -23.73 -20.84 -23.42
CA ILE C 195 -23.68 -19.52 -22.80
C ILE C 195 -22.83 -19.59 -21.54
N VAL C 196 -21.74 -18.84 -21.50
CA VAL C 196 -20.79 -18.87 -20.39
C VAL C 196 -20.51 -17.46 -19.92
N GLY C 197 -20.12 -17.36 -18.65
CA GLY C 197 -19.81 -16.08 -18.03
C GLY C 197 -20.40 -15.98 -16.65
N THR C 198 -20.24 -14.81 -16.03
CA THR C 198 -20.73 -14.53 -14.68
C THR C 198 -21.93 -13.60 -14.80
N THR C 199 -23.13 -14.10 -14.48
CA THR C 199 -24.36 -13.45 -14.91
C THR C 199 -24.51 -12.04 -14.37
N ALA C 200 -23.99 -11.77 -13.16
CA ALA C 200 -24.12 -10.43 -12.60
C ALA C 200 -23.33 -9.38 -13.37
N TYR C 201 -22.41 -9.79 -14.26
CA TYR C 201 -21.59 -8.87 -15.03
C TYR C 201 -21.95 -8.85 -16.51
N MET C 202 -22.80 -9.75 -16.98
CA MET C 202 -22.94 -10.01 -18.41
C MET C 202 -23.91 -9.04 -19.07
N ALA C 203 -23.55 -8.61 -20.27
CA ALA C 203 -24.42 -7.79 -21.10
C ALA C 203 -25.64 -8.62 -21.52
N PRO C 204 -26.78 -7.97 -21.82
CA PRO C 204 -27.96 -8.76 -22.21
C PRO C 204 -27.70 -9.65 -23.43
N GLU C 205 -26.99 -9.14 -24.45
CA GLU C 205 -26.71 -9.97 -25.61
C GLU C 205 -25.82 -11.17 -25.28
N ALA C 206 -24.90 -11.01 -24.31
CA ALA C 206 -24.05 -12.13 -23.91
C ALA C 206 -24.88 -13.22 -23.23
N LEU C 207 -25.85 -12.82 -22.41
CA LEU C 207 -26.72 -13.79 -21.76
C LEU C 207 -27.54 -14.60 -22.76
N ARG C 208 -27.65 -14.14 -24.01
CA ARG C 208 -28.36 -14.87 -25.05
C ARG C 208 -27.43 -15.64 -25.99
N GLY C 209 -26.13 -15.64 -25.73
CA GLY C 209 -25.21 -16.37 -26.58
C GLY C 209 -24.56 -15.56 -27.69
N GLU C 210 -24.72 -14.25 -27.70
CA GLU C 210 -24.03 -13.42 -28.67
C GLU C 210 -22.59 -13.18 -28.21
N ILE C 211 -21.66 -13.25 -29.16
CA ILE C 211 -20.25 -13.00 -28.90
C ILE C 211 -19.85 -11.71 -29.60
N THR C 212 -19.40 -10.73 -28.81
CA THR C 212 -19.02 -9.42 -29.35
C THR C 212 -18.15 -8.68 -28.35
N PRO C 213 -17.15 -7.93 -28.81
CA PRO C 213 -16.31 -7.17 -27.87
C PRO C 213 -17.07 -6.12 -27.10
N LYS C 214 -18.23 -5.67 -27.60
CA LYS C 214 -19.03 -4.71 -26.87
C LYS C 214 -19.56 -5.28 -25.57
N SER C 215 -19.62 -6.61 -25.44
CA SER C 215 -19.99 -7.22 -24.16
C SER C 215 -18.90 -7.02 -23.10
N ASP C 216 -17.63 -7.00 -23.52
CA ASP C 216 -16.55 -6.70 -22.58
C ASP C 216 -16.73 -5.29 -22.00
N ILE C 217 -17.13 -4.34 -22.83
CA ILE C 217 -17.34 -2.97 -22.38
C ILE C 217 -18.43 -2.90 -21.31
N TYR C 218 -19.53 -3.62 -21.53
CA TYR C 218 -20.62 -3.62 -20.56
C TYR C 218 -20.17 -4.17 -19.23
N SER C 219 -19.46 -5.31 -19.23
CA SER C 219 -18.98 -5.89 -17.99
C SER C 219 -17.98 -4.97 -17.29
N PHE C 220 -17.16 -4.24 -18.05
CA PHE C 220 -16.27 -3.27 -17.44
C PHE C 220 -17.06 -2.16 -16.74
N GLY C 221 -18.18 -1.74 -17.34
CA GLY C 221 -19.04 -0.78 -16.68
C GLY C 221 -19.52 -1.24 -15.33
N VAL C 222 -19.82 -2.54 -15.20
CA VAL C 222 -20.20 -3.08 -13.89
C VAL C 222 -19.02 -2.97 -12.93
N VAL C 223 -17.82 -3.31 -13.39
CA VAL C 223 -16.61 -3.17 -12.56
C VAL C 223 -16.45 -1.73 -12.09
N LEU C 224 -16.67 -0.77 -12.99
CA LEU C 224 -16.54 0.63 -12.59
C LEU C 224 -17.55 0.98 -11.50
N LEU C 225 -18.76 0.41 -11.56
CA LEU C 225 -19.73 0.60 -10.48
C LEU C 225 -19.24 -0.03 -9.18
N GLU C 226 -18.62 -1.21 -9.26
CA GLU C 226 -18.03 -1.81 -8.07
C GLU C 226 -16.96 -0.90 -7.48
N ILE C 227 -16.14 -0.29 -8.35
CA ILE C 227 -15.06 0.58 -7.88
C ILE C 227 -15.63 1.81 -7.17
N ILE C 228 -16.65 2.43 -7.76
CA ILE C 228 -17.24 3.64 -7.19
C ILE C 228 -17.91 3.34 -5.85
N THR C 229 -18.65 2.23 -5.78
CA THR C 229 -19.53 1.98 -4.65
C THR C 229 -18.93 1.07 -3.58
N GLY C 230 -17.89 0.31 -3.92
CA GLY C 230 -17.44 -0.73 -3.02
C GLY C 230 -18.38 -1.90 -2.89
N LEU C 231 -19.45 -1.97 -3.71
CA LEU C 231 -20.46 -3.01 -3.61
C LEU C 231 -20.16 -4.11 -4.63
N PRO C 232 -20.25 -5.38 -4.23
CA PRO C 232 -20.11 -6.45 -5.22
C PRO C 232 -21.24 -6.43 -6.23
N ALA C 233 -20.95 -6.93 -7.43
CA ALA C 233 -21.94 -6.93 -8.50
C ALA C 233 -23.20 -7.70 -8.11
N VAL C 234 -23.05 -8.75 -7.31
CA VAL C 234 -24.19 -9.46 -6.75
C VAL C 234 -23.91 -9.73 -5.28
N ASP C 235 -24.93 -9.56 -4.44
CA ASP C 235 -24.83 -9.81 -3.01
C ASP C 235 -26.19 -10.34 -2.57
N GLU C 236 -26.23 -11.61 -2.16
CA GLU C 236 -27.49 -12.27 -1.88
C GLU C 236 -28.19 -11.72 -0.63
N HIS C 237 -27.43 -11.09 0.26
CA HIS C 237 -28.00 -10.50 1.47
C HIS C 237 -28.19 -9.00 1.34
N ARG C 238 -28.11 -8.46 0.13
CA ARG C 238 -28.35 -7.05 -0.15
C ARG C 238 -29.66 -6.92 -0.91
N GLU C 239 -30.27 -5.74 -0.81
CA GLU C 239 -31.46 -5.40 -1.59
C GLU C 239 -31.16 -4.04 -2.21
N PRO C 240 -31.12 -3.92 -3.54
CA PRO C 240 -31.26 -5.00 -4.54
C PRO C 240 -30.05 -5.92 -4.57
N GLN C 241 -30.24 -7.18 -4.97
CA GLN C 241 -29.13 -8.13 -4.98
C GLN C 241 -28.12 -7.83 -6.09
N LEU C 242 -28.59 -7.27 -7.20
CA LEU C 242 -27.74 -7.01 -8.36
C LEU C 242 -27.37 -5.54 -8.42
N LEU C 243 -26.06 -5.26 -8.51
CA LEU C 243 -25.58 -3.88 -8.59
C LEU C 243 -26.13 -3.16 -9.81
N LEU C 244 -26.45 -3.91 -10.87
CA LEU C 244 -27.05 -3.31 -12.06
C LEU C 244 -28.39 -2.66 -11.73
N ASP C 245 -29.17 -3.27 -10.83
CA ASP C 245 -30.45 -2.67 -10.45
C ASP C 245 -30.26 -1.32 -9.78
N ILE C 246 -29.12 -1.09 -9.13
CA ILE C 246 -28.87 0.18 -8.47
C ILE C 246 -28.72 1.29 -9.50
N LYS C 247 -28.11 0.99 -10.65
CA LYS C 247 -27.94 2.01 -11.69
C LYS C 247 -29.29 2.55 -12.13
N GLU C 248 -30.27 1.68 -12.35
CA GLU C 248 -31.58 2.14 -12.82
C GLU C 248 -32.33 2.90 -11.74
N GLU C 249 -32.06 2.62 -10.46
CA GLU C 249 -32.61 3.45 -9.39
C GLU C 249 -32.07 4.87 -9.49
N ILE C 250 -30.81 5.02 -9.90
CA ILE C 250 -30.25 6.35 -10.10
C ILE C 250 -30.88 7.03 -11.31
N GLU C 251 -31.03 6.29 -12.42
CA GLU C 251 -31.63 6.85 -13.61
C GLU C 251 -33.10 7.20 -13.39
N ASP C 252 -33.83 6.34 -12.69
CA ASP C 252 -35.20 6.66 -12.30
C ASP C 252 -35.25 7.67 -11.16
N GLU C 253 -34.09 8.02 -10.58
CA GLU C 253 -33.92 9.16 -9.70
C GLU C 253 -34.64 8.99 -8.36
N GLU C 254 -34.78 7.75 -7.90
CA GLU C 254 -35.10 7.53 -6.49
C GLU C 254 -33.86 7.76 -5.62
N LYS C 255 -32.67 7.52 -6.16
CA LYS C 255 -31.41 7.79 -5.49
C LYS C 255 -30.44 8.40 -6.51
N THR C 256 -29.28 8.82 -6.00
CA THR C 256 -28.24 9.39 -6.84
C THR C 256 -26.94 8.64 -6.62
N ILE C 257 -25.95 8.91 -7.47
CA ILE C 257 -24.67 8.20 -7.34
C ILE C 257 -23.98 8.58 -6.04
N GLU C 258 -24.20 9.80 -5.54
CA GLU C 258 -23.62 10.20 -4.27
C GLU C 258 -24.17 9.36 -3.12
N ASP C 259 -25.40 8.87 -3.25
CA ASP C 259 -25.97 7.99 -2.22
C ASP C 259 -25.25 6.65 -2.15
N TYR C 260 -24.56 6.24 -3.21
CA TYR C 260 -23.94 4.93 -3.26
C TYR C 260 -22.41 4.97 -3.28
N ILE C 261 -21.81 6.16 -3.31
CA ILE C 261 -20.35 6.23 -3.27
C ILE C 261 -19.83 5.51 -2.04
N ASP C 262 -18.79 4.71 -2.22
CA ASP C 262 -18.15 4.01 -1.12
C ASP C 262 -17.79 4.98 -0.01
N LYS C 263 -18.34 4.76 1.18
CA LYS C 263 -18.03 5.63 2.30
C LYS C 263 -16.66 5.33 2.91
N LYS C 264 -15.96 4.31 2.41
CA LYS C 264 -14.65 3.93 2.91
C LYS C 264 -13.52 4.64 2.16
N MET C 265 -13.76 5.88 1.74
CA MET C 265 -12.74 6.74 1.14
C MET C 265 -12.81 8.11 1.80
N ASN C 266 -11.69 8.84 1.75
CA ASN C 266 -11.67 10.21 2.21
C ASN C 266 -11.10 11.17 1.16
N ASP C 267 -10.88 10.70 -0.06
CA ASP C 267 -10.29 11.52 -1.11
C ASP C 267 -11.09 11.50 -2.40
N ALA C 268 -12.38 11.18 -2.34
CA ALA C 268 -13.22 11.04 -3.53
C ALA C 268 -13.98 12.35 -3.74
N ASP C 269 -13.53 13.14 -4.71
CA ASP C 269 -14.23 14.38 -5.03
C ASP C 269 -15.39 14.11 -5.98
N SER C 270 -16.44 14.94 -5.85
CA SER C 270 -17.68 14.70 -6.59
C SER C 270 -17.47 14.74 -8.09
N THR C 271 -16.65 15.68 -8.58
CA THR C 271 -16.50 15.86 -10.02
C THR C 271 -15.92 14.62 -10.68
N SER C 272 -14.84 14.06 -10.13
CA SER C 272 -14.22 12.91 -10.76
C SER C 272 -15.03 11.65 -10.55
N VAL C 273 -15.74 11.53 -9.42
CA VAL C 273 -16.61 10.38 -9.20
C VAL C 273 -17.73 10.37 -10.23
N GLU C 274 -18.36 11.53 -10.45
CA GLU C 274 -19.39 11.61 -11.48
C GLU C 274 -18.82 11.34 -12.86
N ALA C 275 -17.55 11.68 -13.07
CA ALA C 275 -16.90 11.39 -14.35
C ALA C 275 -16.76 9.88 -14.56
N MET C 276 -16.31 9.14 -13.54
CA MET C 276 -16.27 7.68 -13.67
C MET C 276 -17.66 7.10 -13.86
N TYR C 277 -18.64 7.63 -13.13
CA TYR C 277 -20.00 7.12 -13.25
C TYR C 277 -20.54 7.36 -14.66
N SER C 278 -20.21 8.50 -15.26
CA SER C 278 -20.62 8.76 -16.63
C SER C 278 -20.01 7.75 -17.59
N VAL C 279 -18.73 7.42 -17.41
CA VAL C 279 -18.11 6.37 -18.21
C VAL C 279 -18.85 5.06 -18.01
N ALA C 280 -19.13 4.72 -16.73
CA ALA C 280 -19.84 3.50 -16.44
C ALA C 280 -21.22 3.50 -17.10
N SER C 281 -21.91 4.63 -17.06
CA SER C 281 -23.23 4.73 -17.66
C SER C 281 -23.18 4.42 -19.15
N GLN C 282 -22.20 4.98 -19.87
CA GLN C 282 -22.08 4.73 -21.29
C GLN C 282 -21.76 3.26 -21.57
N CYS C 283 -20.90 2.66 -20.75
CA CYS C 283 -20.60 1.24 -20.92
C CYS C 283 -21.83 0.37 -20.73
N LEU C 284 -22.75 0.80 -19.87
CA LEU C 284 -23.90 -0.01 -19.49
C LEU C 284 -25.15 0.28 -20.32
N HIS C 285 -24.99 0.90 -21.50
CA HIS C 285 -26.13 0.98 -22.41
C HIS C 285 -26.62 -0.41 -22.75
N GLU C 286 -27.92 -0.63 -22.64
CA GLU C 286 -28.47 -1.96 -22.91
C GLU C 286 -28.27 -2.35 -24.37
N LYS C 287 -28.32 -1.39 -25.29
CA LYS C 287 -28.11 -1.66 -26.70
C LYS C 287 -26.63 -1.56 -27.03
N LYS C 288 -26.09 -2.63 -27.61
CA LYS C 288 -24.64 -2.80 -27.73
C LYS C 288 -23.99 -1.67 -28.51
N ASN C 289 -24.64 -1.22 -29.59
CA ASN C 289 -24.01 -0.26 -30.48
C ASN C 289 -24.00 1.16 -29.93
N LYS C 290 -24.74 1.43 -28.86
CA LYS C 290 -24.66 2.73 -28.20
C LYS C 290 -23.53 2.81 -27.19
N ARG C 291 -22.88 1.69 -26.88
CA ARG C 291 -21.75 1.69 -25.97
C ARG C 291 -20.50 2.21 -26.67
N PRO C 292 -19.62 2.90 -25.94
CA PRO C 292 -18.33 3.31 -26.51
C PRO C 292 -17.41 2.12 -26.68
N ASP C 293 -16.45 2.26 -27.60
CA ASP C 293 -15.42 1.23 -27.67
C ASP C 293 -14.36 1.49 -26.60
N ILE C 294 -13.43 0.54 -26.47
CA ILE C 294 -12.48 0.59 -25.36
C ILE C 294 -11.57 1.80 -25.45
N LYS C 295 -11.21 2.23 -26.66
CA LYS C 295 -10.36 3.41 -26.80
C LYS C 295 -11.05 4.66 -26.24
N LYS C 296 -12.36 4.80 -26.51
CA LYS C 296 -13.10 5.93 -25.95
C LYS C 296 -13.16 5.84 -24.43
N VAL C 297 -13.37 4.64 -23.89
CA VAL C 297 -13.35 4.45 -22.44
C VAL C 297 -12.00 4.83 -21.88
N GLN C 298 -10.93 4.35 -22.52
CA GLN C 298 -9.58 4.74 -22.13
C GLN C 298 -9.42 6.25 -22.12
N GLN C 299 -9.88 6.92 -23.19
CA GLN C 299 -9.75 8.36 -23.29
C GLN C 299 -10.52 9.07 -22.18
N LEU C 300 -11.74 8.63 -21.91
CA LEU C 300 -12.57 9.27 -20.88
C LEU C 300 -11.96 9.10 -19.50
N LEU C 301 -11.42 7.90 -19.22
CA LEU C 301 -10.77 7.69 -17.93
C LEU C 301 -9.52 8.53 -17.80
N GLN C 302 -8.79 8.73 -18.90
CA GLN C 302 -7.61 9.60 -18.88
C GLN C 302 -8.00 11.05 -18.61
N GLU C 303 -9.09 11.52 -19.24
CA GLU C 303 -9.58 12.87 -18.97
C GLU C 303 -10.08 13.02 -17.55
N MET C 304 -10.49 11.92 -16.92
CA MET C 304 -11.08 11.97 -15.58
C MET C 304 -10.09 12.49 -14.55
N THR C 305 -8.81 12.12 -14.68
CA THR C 305 -7.79 12.48 -13.72
C THR C 305 -6.79 13.51 -14.25
N ALA C 306 -7.08 14.14 -15.39
CA ALA C 306 -6.18 15.14 -15.94
C ALA C 306 -6.93 16.45 -16.21
N THR D 10 -19.60 23.76 40.27
CA THR D 10 -19.05 22.79 39.29
C THR D 10 -17.54 22.68 39.31
N ARG D 11 -17.02 21.51 38.93
CA ARG D 11 -15.56 21.33 38.79
C ARG D 11 -15.23 21.47 37.29
N PHE D 12 -16.26 21.62 36.44
CA PHE D 12 -15.96 21.82 35.03
C PHE D 12 -15.77 23.30 34.74
N HIS D 13 -15.32 23.59 33.52
CA HIS D 13 -15.05 24.96 33.09
C HIS D 13 -16.31 25.52 32.44
N SER D 14 -16.80 26.65 32.96
CA SER D 14 -17.97 27.29 32.41
C SER D 14 -17.54 28.19 31.25
N PHE D 15 -17.90 27.80 30.03
CA PHE D 15 -17.67 28.61 28.85
C PHE D 15 -18.86 29.53 28.60
N SER D 16 -18.58 30.68 28.01
CA SER D 16 -19.67 31.43 27.40
C SER D 16 -19.97 30.85 26.03
N PHE D 17 -21.19 31.11 25.54
CA PHE D 17 -21.54 30.63 24.22
C PHE D 17 -20.62 31.21 23.16
N TYR D 18 -20.30 32.50 23.26
CA TYR D 18 -19.48 33.13 22.22
C TYR D 18 -18.04 32.64 22.28
N GLU D 19 -17.56 32.24 23.46
CA GLU D 19 -16.25 31.60 23.53
C GLU D 19 -16.25 30.31 22.72
N LEU D 20 -17.32 29.53 22.81
CA LEU D 20 -17.39 28.28 22.07
C LEU D 20 -17.54 28.51 20.57
N LYS D 21 -18.18 29.61 20.18
CA LYS D 21 -18.15 30.00 18.77
C LYS D 21 -16.72 30.23 18.32
N ASN D 22 -15.91 30.87 19.15
CA ASN D 22 -14.50 31.07 18.82
C ASN D 22 -13.69 29.79 18.90
N VAL D 23 -14.24 28.74 19.53
CA VAL D 23 -13.56 27.45 19.57
C VAL D 23 -13.89 26.59 18.34
N THR D 24 -15.09 26.75 17.78
CA THR D 24 -15.57 25.90 16.71
C THR D 24 -15.72 26.63 15.38
N ASN D 25 -14.99 27.74 15.20
CA ASN D 25 -15.13 28.58 14.02
C ASN D 25 -16.60 28.95 13.78
N ASN D 26 -17.22 29.46 14.84
CA ASN D 26 -18.63 29.88 14.82
C ASN D 26 -19.54 28.71 14.46
N PHE D 27 -19.23 27.53 14.98
CA PHE D 27 -20.00 26.31 14.76
C PHE D 27 -20.21 26.04 13.27
N ASP D 28 -19.09 25.97 12.56
CA ASP D 28 -19.11 25.68 11.13
C ASP D 28 -19.77 24.33 10.88
N GLU D 29 -20.91 24.34 10.19
CA GLU D 29 -21.68 23.12 9.96
C GLU D 29 -21.12 22.26 8.85
N ARG D 30 -20.12 22.73 8.12
CA ARG D 30 -19.47 21.91 7.11
C ARG D 30 -18.69 20.77 7.78
N PRO D 31 -18.60 19.62 7.13
CA PRO D 31 -17.90 18.49 7.74
C PRO D 31 -16.40 18.72 7.83
N ILE D 32 -15.78 18.00 8.77
CA ILE D 32 -14.34 18.06 8.96
C ILE D 32 -13.63 17.59 7.69
N SER D 33 -14.18 16.58 7.03
CA SER D 33 -13.57 16.06 5.80
C SER D 33 -13.45 17.16 4.74
N VAL D 34 -14.43 18.06 4.68
CA VAL D 34 -14.38 19.19 3.74
C VAL D 34 -13.61 20.37 4.30
N GLY D 35 -13.37 20.42 5.61
CA GLY D 35 -12.64 21.51 6.22
C GLY D 35 -13.44 22.33 7.22
N GLY D 36 -14.68 21.95 7.51
CA GLY D 36 -15.48 22.68 8.47
C GLY D 36 -15.19 22.26 9.90
N ASN D 37 -16.23 22.17 10.72
CA ASN D 37 -16.08 21.76 12.11
C ASN D 37 -17.05 20.66 12.54
N LYS D 38 -18.00 20.28 11.70
CA LYS D 38 -18.98 19.27 12.07
C LYS D 38 -18.37 17.88 11.98
N MET D 39 -18.55 17.09 13.04
CA MET D 39 -18.01 15.74 13.14
C MET D 39 -19.07 14.66 13.12
N GLY D 40 -20.32 15.02 13.40
CA GLY D 40 -21.37 14.04 13.52
C GLY D 40 -22.58 14.70 14.14
N GLU D 41 -23.62 13.90 14.29
CA GLU D 41 -24.88 14.42 14.80
C GLU D 41 -25.66 13.28 15.43
N GLY D 42 -26.41 13.61 16.48
CA GLY D 42 -27.33 12.68 17.10
C GLY D 42 -28.70 13.29 17.21
N GLY D 43 -29.63 12.60 17.87
CA GLY D 43 -30.95 13.15 18.05
C GLY D 43 -31.01 14.34 18.98
N PHE D 44 -29.99 14.53 19.82
CA PHE D 44 -30.00 15.57 20.84
C PHE D 44 -29.01 16.70 20.55
N GLY D 45 -28.37 16.71 19.39
CA GLY D 45 -27.49 17.80 19.06
C GLY D 45 -26.47 17.41 18.01
N VAL D 46 -25.56 18.35 17.75
CA VAL D 46 -24.52 18.22 16.75
C VAL D 46 -23.16 18.35 17.44
N VAL D 47 -22.21 17.50 17.06
CA VAL D 47 -20.89 17.47 17.66
C VAL D 47 -19.91 18.17 16.73
N TYR D 48 -19.18 19.15 17.26
CA TYR D 48 -18.25 19.95 16.50
C TYR D 48 -16.84 19.75 17.04
N LYS D 49 -15.87 19.84 16.14
CA LYS D 49 -14.46 19.84 16.51
C LYS D 49 -14.02 21.26 16.85
N GLY D 50 -13.22 21.39 17.91
CA GLY D 50 -12.78 22.69 18.35
C GLY D 50 -11.37 22.63 18.91
N TYR D 51 -10.84 23.81 19.22
CA TYR D 51 -9.48 23.93 19.73
C TYR D 51 -9.47 24.93 20.88
N VAL D 52 -8.96 24.50 22.03
CA VAL D 52 -8.73 25.36 23.18
C VAL D 52 -7.23 25.37 23.41
N ASN D 53 -6.56 26.42 22.91
CA ASN D 53 -5.09 26.50 22.89
C ASN D 53 -4.59 25.32 22.08
N ASN D 54 -3.73 24.45 22.61
CA ASN D 54 -3.25 23.28 21.90
C ASN D 54 -3.98 22.01 22.31
N THR D 55 -5.20 22.14 22.82
CA THR D 55 -6.02 20.99 23.20
C THR D 55 -7.22 20.90 22.26
N THR D 56 -7.29 19.83 21.50
CA THR D 56 -8.48 19.57 20.68
C THR D 56 -9.64 19.16 21.57
N VAL D 57 -10.82 19.71 21.30
CA VAL D 57 -12.01 19.38 22.06
C VAL D 57 -13.14 18.99 21.12
N ALA D 58 -14.11 18.28 21.67
CA ALA D 58 -15.38 18.00 21.01
C ALA D 58 -16.46 18.81 21.72
N VAL D 59 -17.25 19.55 20.94
CA VAL D 59 -18.27 20.43 21.49
C VAL D 59 -19.62 19.97 20.95
N LYS D 60 -20.47 19.47 21.84
CA LYS D 60 -21.82 19.07 21.47
C LYS D 60 -22.75 20.25 21.74
N LYS D 61 -23.30 20.83 20.68
CA LYS D 61 -24.32 21.86 20.82
C LYS D 61 -25.68 21.19 20.77
N LEU D 62 -26.43 21.26 21.86
CA LEU D 62 -27.70 20.54 21.95
C LEU D 62 -28.75 21.22 21.07
N ALA D 63 -29.60 20.40 20.47
CA ALA D 63 -30.70 20.90 19.66
C ALA D 63 -31.77 19.81 19.58
N ALA D 64 -33.03 20.24 19.51
CA ALA D 64 -34.16 19.33 19.45
C ALA D 64 -34.32 18.83 18.02
N MET D 65 -33.56 17.78 17.70
CA MET D 65 -33.63 17.15 16.39
C MET D 65 -34.58 15.98 16.34
N VAL D 66 -35.11 15.53 17.47
CA VAL D 66 -36.03 14.40 17.50
C VAL D 66 -37.38 14.85 18.05
N ILE D 68 -38.37 17.11 20.56
CA ILE D 68 -38.51 17.09 22.00
C ILE D 68 -38.48 18.53 22.51
N THR D 69 -39.09 18.72 23.69
CA THR D 69 -39.21 20.05 24.26
C THR D 69 -37.87 20.56 24.77
N THR D 70 -37.79 21.88 24.96
CA THR D 70 -36.57 22.47 25.51
C THR D 70 -36.35 22.04 26.95
N GLU D 71 -37.44 21.91 27.73
CA GLU D 71 -37.31 21.47 29.11
C GLU D 71 -36.74 20.05 29.18
N GLU D 72 -37.17 19.18 28.27
CA GLU D 72 -36.56 17.86 28.16
C GLU D 72 -35.09 17.96 27.78
N LEU D 73 -34.78 18.82 26.82
CA LEU D 73 -33.39 19.01 26.40
C LEU D 73 -32.54 19.55 27.55
N LYS D 74 -33.07 20.54 28.28
CA LYS D 74 -32.32 21.09 29.41
C LYS D 74 -32.14 20.04 30.51
N GLN D 75 -33.17 19.23 30.76
CA GLN D 75 -33.04 18.19 31.77
C GLN D 75 -32.00 17.15 31.36
N GLN D 76 -31.95 16.80 30.07
CA GLN D 76 -30.94 15.88 29.59
C GLN D 76 -29.55 16.52 29.68
N PHE D 77 -29.47 17.82 29.42
CA PHE D 77 -28.22 18.55 29.63
C PHE D 77 -27.78 18.46 31.07
N ASP D 78 -28.72 18.63 32.00
CA ASP D 78 -28.38 18.54 33.42
C ASP D 78 -27.92 17.15 33.80
N GLN D 79 -28.56 16.12 33.24
CA GLN D 79 -28.20 14.74 33.59
C GLN D 79 -26.81 14.38 33.07
N GLU D 80 -26.41 14.89 31.91
CA GLU D 80 -25.04 14.67 31.45
C GLU D 80 -24.04 15.19 32.46
N ILE D 81 -24.20 16.44 32.89
CA ILE D 81 -23.24 17.03 33.82
C ILE D 81 -23.22 16.27 35.15
N LYS D 82 -24.40 15.88 35.64
CA LYS D 82 -24.48 15.20 36.93
C LYS D 82 -23.76 13.85 36.89
N VAL D 83 -24.01 13.05 35.87
CA VAL D 83 -23.33 11.76 35.75
C VAL D 83 -21.83 11.99 35.58
N MET D 84 -21.46 12.95 34.74
CA MET D 84 -20.05 13.16 34.43
C MET D 84 -19.29 13.71 35.63
N ALA D 85 -19.93 14.54 36.45
CA ALA D 85 -19.27 15.01 37.67
C ALA D 85 -19.08 13.88 38.67
N LYS D 86 -20.01 12.94 38.72
CA LYS D 86 -19.94 11.84 39.67
C LYS D 86 -19.11 10.66 39.16
N CYS D 87 -19.13 10.39 37.86
CA CYS D 87 -18.54 9.18 37.30
C CYS D 87 -17.34 9.55 36.43
N GLN D 88 -16.14 9.30 36.94
CA GLN D 88 -14.91 9.35 36.17
C GLN D 88 -14.34 7.95 36.10
N HIS D 89 -14.06 7.48 34.87
CA HIS D 89 -13.63 6.12 34.68
C HIS D 89 -12.85 6.02 33.37
N GLU D 90 -11.98 5.00 33.31
CA GLU D 90 -11.15 4.79 32.13
C GLU D 90 -11.99 4.62 30.86
N ASN D 91 -13.18 4.06 30.98
CA ASN D 91 -14.01 3.73 29.82
C ASN D 91 -15.26 4.58 29.73
N LEU D 92 -15.18 5.80 30.26
CA LEU D 92 -16.20 6.83 30.10
C LEU D 92 -15.55 8.07 29.54
N VAL D 93 -16.22 8.74 28.59
CA VAL D 93 -15.68 9.98 28.07
C VAL D 93 -15.51 10.96 29.23
N GLU D 94 -14.67 11.97 29.00
CA GLU D 94 -14.37 12.98 30.02
C GLU D 94 -14.95 14.33 29.59
N LEU D 95 -15.72 14.95 30.48
CA LEU D 95 -16.24 16.28 30.26
C LEU D 95 -15.23 17.31 30.74
N LEU D 96 -14.97 18.32 29.91
CA LEU D 96 -14.11 19.43 30.28
C LEU D 96 -14.87 20.68 30.69
N GLY D 97 -15.99 20.96 30.03
CA GLY D 97 -16.73 22.17 30.35
C GLY D 97 -18.09 22.18 29.69
N PHE D 98 -18.74 23.34 29.79
CA PHE D 98 -20.09 23.50 29.27
C PHE D 98 -20.38 24.98 29.10
N SER D 99 -21.49 25.27 28.40
CA SER D 99 -22.05 26.62 28.32
C SER D 99 -23.56 26.50 28.41
N SER D 100 -24.19 27.31 29.26
CA SER D 100 -25.61 27.13 29.59
C SER D 100 -26.33 28.48 29.65
N ASP D 101 -26.13 29.33 28.65
CA ASP D 101 -26.78 30.64 28.59
C ASP D 101 -27.88 30.61 27.54
N GLY D 102 -29.13 30.67 27.99
CA GLY D 102 -30.27 30.71 27.08
C GLY D 102 -30.58 29.36 26.47
N ASP D 103 -31.15 29.40 25.25
CA ASP D 103 -31.42 28.18 24.50
C ASP D 103 -30.14 27.45 24.10
N ASP D 104 -29.00 28.15 24.12
CA ASP D 104 -27.74 27.56 23.71
C ASP D 104 -27.16 26.73 24.85
N LEU D 105 -27.18 25.41 24.70
CA LEU D 105 -26.59 24.49 25.66
C LEU D 105 -25.49 23.71 24.95
N CYS D 106 -24.30 23.69 25.53
CA CYS D 106 -23.17 22.98 24.94
C CYS D 106 -22.43 22.18 25.99
N LEU D 107 -21.86 21.05 25.56
CA LEU D 107 -20.98 20.23 26.37
C LEU D 107 -19.63 20.15 25.69
N VAL D 108 -18.56 20.35 26.45
CA VAL D 108 -17.20 20.36 25.91
C VAL D 108 -16.47 19.16 26.48
N TYR D 109 -15.99 18.30 25.58
CA TYR D 109 -15.36 17.03 25.95
C TYR D 109 -13.91 16.98 25.51
N VAL D 110 -13.16 16.11 26.18
CA VAL D 110 -11.89 15.65 25.64
C VAL D 110 -12.14 15.02 24.27
N TYR D 111 -11.37 15.45 23.28
CA TYR D 111 -11.53 14.96 21.91
C TYR D 111 -11.11 13.49 21.81
N MET D 112 -11.91 12.70 21.10
CA MET D 112 -11.55 11.31 20.85
C MET D 112 -11.10 11.16 19.41
N PRO D 113 -9.79 11.01 19.17
CA PRO D 113 -9.28 11.12 17.80
C PRO D 113 -9.79 10.06 16.85
N ASN D 114 -10.24 8.90 17.35
CA ASN D 114 -10.63 7.81 16.47
C ASN D 114 -12.14 7.64 16.37
N GLY D 115 -12.92 8.63 16.82
CA GLY D 115 -14.35 8.61 16.53
C GLY D 115 -15.09 7.49 17.24
N SER D 116 -16.20 7.08 16.64
CA SER D 116 -17.09 6.10 17.24
C SER D 116 -16.77 4.69 16.77
N LEU D 117 -17.11 3.71 17.61
CA LEU D 117 -16.99 2.32 17.22
C LEU D 117 -17.80 2.02 15.97
N LEU D 118 -19.00 2.61 15.87
CA LEU D 118 -19.84 2.40 14.68
C LEU D 118 -19.08 2.78 13.41
N ASP D 119 -18.44 3.95 13.42
CA ASP D 119 -17.76 4.42 12.22
C ASP D 119 -16.51 3.59 11.91
N ARG D 120 -15.80 3.13 12.94
CA ARG D 120 -14.62 2.32 12.69
C ARG D 120 -14.99 0.92 12.24
N LEU D 121 -16.13 0.39 12.71
CA LEU D 121 -16.60 -0.89 12.20
C LEU D 121 -17.01 -0.79 10.73
N SER D 122 -17.51 0.37 10.32
CA SER D 122 -17.85 0.60 8.92
C SER D 122 -16.67 1.12 8.10
N CYS D 123 -15.51 1.35 8.72
CA CYS D 123 -14.33 1.90 8.07
C CYS D 123 -14.63 3.23 7.37
N LEU D 124 -15.48 4.03 8.00
CA LEU D 124 -15.83 5.34 7.45
C LEU D 124 -14.57 6.17 7.21
N ASP D 125 -14.55 6.87 6.07
CA ASP D 125 -13.44 7.73 5.65
C ASP D 125 -12.16 6.94 5.35
N GLY D 126 -12.28 5.63 5.13
CA GLY D 126 -11.12 4.86 4.70
C GLY D 126 -10.21 4.38 5.81
N THR D 127 -10.66 4.38 7.06
CA THR D 127 -9.84 3.84 8.14
C THR D 127 -9.72 2.32 8.00
N PRO D 128 -8.58 1.74 8.38
CA PRO D 128 -8.41 0.29 8.22
C PRO D 128 -9.33 -0.48 9.15
N PRO D 129 -9.73 -1.69 8.78
CA PRO D 129 -10.62 -2.47 9.65
C PRO D 129 -9.96 -2.78 10.98
N LEU D 130 -10.77 -2.77 12.04
CA LEU D 130 -10.28 -3.14 13.36
C LEU D 130 -9.97 -4.63 13.40
N SER D 131 -8.82 -4.97 13.98
CA SER D 131 -8.47 -6.37 14.17
C SER D 131 -9.33 -7.00 15.25
N TRP D 132 -9.35 -8.34 15.26
CA TRP D 132 -10.08 -9.04 16.31
C TRP D 132 -9.51 -8.72 17.68
N HIS D 133 -8.18 -8.60 17.77
CA HIS D 133 -7.55 -8.26 19.05
C HIS D 133 -8.01 -6.90 19.55
N MET D 134 -8.04 -5.90 18.67
CA MET D 134 -8.57 -4.59 19.07
C MET D 134 -10.04 -4.68 19.46
N ARG D 135 -10.83 -5.45 18.71
CA ARG D 135 -12.25 -5.57 19.00
C ARG D 135 -12.50 -6.20 20.36
N CYS D 136 -11.66 -7.16 20.74
CA CYS D 136 -11.79 -7.76 22.07
C CYS D 136 -11.51 -6.74 23.16
N LYS D 137 -10.49 -5.91 22.99
CA LYS D 137 -10.17 -4.89 23.99
C LYS D 137 -11.29 -3.86 24.10
N ILE D 138 -11.88 -3.49 22.97
CA ILE D 138 -12.99 -2.54 22.98
C ILE D 138 -14.21 -3.14 23.68
N ALA D 139 -14.52 -4.40 23.38
CA ALA D 139 -15.65 -5.06 24.05
C ALA D 139 -15.43 -5.09 25.56
N GLN D 140 -14.22 -5.44 25.99
CA GLN D 140 -13.93 -5.49 27.42
C GLN D 140 -14.03 -4.10 28.05
N GLY D 141 -13.49 -3.09 27.37
CA GLY D 141 -13.54 -1.73 27.92
C GLY D 141 -14.95 -1.19 28.02
N ALA D 142 -15.77 -1.43 26.99
CA ALA D 142 -17.16 -0.99 27.03
C ALA D 142 -17.91 -1.64 28.19
N ALA D 143 -17.69 -2.94 28.41
CA ALA D 143 -18.34 -3.61 29.53
C ALA D 143 -17.87 -3.02 30.86
N ASN D 144 -16.58 -2.66 30.95
CA ASN D 144 -16.06 -2.03 32.16
C ASN D 144 -16.75 -0.69 32.42
N GLY D 145 -16.97 0.09 31.37
CA GLY D 145 -17.67 1.36 31.54
C GLY D 145 -19.12 1.17 31.95
N ILE D 146 -19.81 0.22 31.33
CA ILE D 146 -21.19 -0.08 31.72
C ILE D 146 -21.23 -0.54 33.17
N ASN D 147 -20.29 -1.41 33.55
CA ASN D 147 -20.27 -1.91 34.93
C ASN D 147 -20.06 -0.77 35.91
N PHE D 148 -19.18 0.18 35.58
CA PHE D 148 -19.01 1.35 36.45
C PHE D 148 -20.29 2.16 36.54
N LEU D 149 -21.00 2.34 35.42
CA LEU D 149 -22.27 3.05 35.45
C LEU D 149 -23.27 2.35 36.36
N HIS D 150 -23.42 1.03 36.20
CA HIS D 150 -24.40 0.28 36.99
C HIS D 150 -23.99 0.22 38.46
N GLU D 151 -22.68 0.12 38.72
CA GLU D 151 -22.19 0.14 40.10
C GLU D 151 -22.54 1.45 40.80
N ASN D 152 -22.56 2.55 40.06
CA ASN D 152 -22.96 3.84 40.58
C ASN D 152 -24.45 4.11 40.38
N HIS D 153 -25.24 3.05 40.16
CA HIS D 153 -26.70 3.12 40.14
C HIS D 153 -27.21 4.04 39.01
N HIS D 154 -26.64 3.86 37.83
CA HIS D 154 -27.07 4.58 36.63
C HIS D 154 -27.45 3.57 35.55
N ILE D 155 -28.58 3.83 34.90
CA ILE D 155 -29.00 3.09 33.71
C ILE D 155 -28.75 3.98 32.50
N HIS D 156 -27.98 3.49 31.53
CA HIS D 156 -27.58 4.35 30.41
C HIS D 156 -28.75 4.65 29.49
N ARG D 157 -29.50 3.62 29.09
CA ARG D 157 -30.68 3.66 28.23
C ARG D 157 -30.38 3.96 26.75
N ASP D 158 -29.12 4.18 26.37
CA ASP D 158 -28.78 4.48 24.98
C ASP D 158 -27.48 3.79 24.57
N ILE D 159 -27.30 2.54 25.00
CA ILE D 159 -26.08 1.81 24.65
C ILE D 159 -26.15 1.42 23.17
N LYS D 160 -25.16 1.89 22.40
CA LYS D 160 -25.04 1.53 20.98
C LYS D 160 -23.64 1.88 20.53
N SER D 161 -23.24 1.32 19.38
CA SER D 161 -21.88 1.51 18.91
C SER D 161 -21.58 2.96 18.55
N ALA D 162 -22.60 3.77 18.23
CA ALA D 162 -22.37 5.20 18.01
C ALA D 162 -21.99 5.93 19.29
N ASN D 163 -22.35 5.39 20.45
CA ASN D 163 -22.06 6.00 21.74
C ASN D 163 -20.86 5.38 22.42
N ILE D 164 -20.08 4.59 21.71
CA ILE D 164 -18.81 4.06 22.19
C ILE D 164 -17.73 4.73 21.36
N LEU D 165 -17.00 5.65 21.97
CA LEU D 165 -15.96 6.38 21.27
C LEU D 165 -14.59 5.79 21.58
N LEU D 166 -13.61 6.17 20.77
CA LEU D 166 -12.30 5.52 20.78
C LEU D 166 -11.21 6.58 20.84
N ASP D 167 -10.36 6.50 21.86
CA ASP D 167 -9.32 7.50 22.08
C ASP D 167 -8.08 7.16 21.26
N GLU D 168 -6.97 7.84 21.58
CA GLU D 168 -5.73 7.71 20.84
C GLU D 168 -5.14 6.31 20.92
N ALA D 169 -5.61 5.48 21.86
CA ALA D 169 -5.17 4.10 21.97
C ALA D 169 -6.28 3.12 21.60
N PHE D 170 -7.38 3.61 21.01
CA PHE D 170 -8.56 2.79 20.72
C PHE D 170 -9.14 2.17 21.99
N THR D 171 -9.02 2.89 23.10
CA THR D 171 -9.73 2.54 24.33
C THR D 171 -11.19 2.97 24.19
N ALA D 172 -12.11 2.08 24.54
CA ALA D 172 -13.54 2.38 24.43
C ALA D 172 -13.96 3.33 25.54
N LYS D 173 -14.73 4.36 25.16
CA LYS D 173 -15.23 5.35 26.11
C LYS D 173 -16.73 5.50 25.87
N ILE D 174 -17.55 5.10 26.84
CA ILE D 174 -18.99 5.27 26.73
C ILE D 174 -19.31 6.75 26.80
N SER D 175 -20.28 7.19 26.01
CA SER D 175 -20.71 8.59 26.02
C SER D 175 -22.23 8.66 26.05
N ASP D 176 -22.75 9.90 25.99
CA ASP D 176 -24.17 10.18 25.81
C ASP D 176 -25.02 9.67 27.00
N PHE D 177 -24.87 10.37 28.12
CA PHE D 177 -25.58 10.04 29.35
C PHE D 177 -26.84 10.89 29.56
N GLY D 178 -27.34 11.55 28.51
CA GLY D 178 -28.47 12.45 28.69
C GLY D 178 -29.74 11.74 29.12
N LEU D 179 -29.91 10.48 28.71
CA LEU D 179 -31.09 9.70 29.04
C LEU D 179 -30.90 8.86 30.30
N ALA D 180 -29.79 9.02 31.00
CA ALA D 180 -29.49 8.17 32.14
C ALA D 180 -30.52 8.33 33.24
N ARG D 181 -30.83 7.22 33.92
CA ARG D 181 -31.75 7.20 35.05
C ARG D 181 -31.12 6.44 36.21
N ALA D 182 -31.47 7.01 37.57
CA ALA D 182 -31.03 6.30 38.78
C ALA D 182 -31.73 4.96 38.88
N SER D 183 -31.04 3.99 39.50
CA SER D 183 -31.54 2.64 39.65
C SER D 183 -31.40 2.22 41.11
N TPO D 189 -37.94 -1.69 35.97
CA TPO D 189 -38.99 -2.13 36.88
CB TPO D 189 -38.35 -2.77 38.14
CG2 TPO D 189 -38.98 -2.37 39.48
OG1 TPO D 189 -38.43 -4.21 37.99
P TPO D 189 -37.16 -4.77 37.15
O1P TPO D 189 -35.81 -4.48 37.96
O2P TPO D 189 -37.06 -4.16 35.82
O3P TPO D 189 -37.34 -6.36 36.95
C TPO D 189 -39.90 -0.94 37.21
O TPO D 189 -41.01 -1.11 37.71
N VAL D 190 -39.43 0.25 36.85
CA VAL D 190 -40.29 1.43 36.79
C VAL D 190 -40.66 1.68 35.32
N MET D 191 -41.69 2.50 35.08
CA MET D 191 -42.19 2.72 33.73
C MET D 191 -42.19 4.21 33.35
N TPO D 192 -42.07 4.48 32.04
CA TPO D 192 -42.19 5.84 31.53
CB TPO D 192 -40.83 6.41 31.15
CG2 TPO D 192 -40.10 5.44 30.21
OG1 TPO D 192 -40.99 7.65 30.48
P TPO D 192 -40.60 8.84 31.52
O1P TPO D 192 -40.20 8.27 32.82
O2P TPO D 192 -41.87 9.81 31.72
O3P TPO D 192 -39.37 9.68 30.91
C TPO D 192 -43.14 5.88 30.32
O TPO D 192 -43.27 4.89 29.60
N SEP D 193 -43.76 6.97 29.96
CA SEP D 193 -44.61 7.16 28.80
CB SEP D 193 -45.63 8.26 29.09
OG SEP D 193 -45.02 9.35 29.74
C SEP D 193 -43.80 7.52 27.55
O SEP D 193 -44.24 7.26 26.43
P SEP D 193 -45.98 10.64 29.71
O1P SEP D 193 -47.18 10.43 30.75
O2P SEP D 193 -46.58 10.82 28.23
O3P SEP D 193 -45.12 11.94 30.11
N ARG D 194 -42.62 8.10 27.75
CA ARG D 194 -41.76 8.49 26.65
C ARG D 194 -40.72 7.41 26.35
N ILE D 195 -40.85 6.78 25.18
CA ILE D 195 -39.94 5.73 24.76
C ILE D 195 -38.77 6.38 24.02
N VAL D 196 -37.56 6.16 24.52
CA VAL D 196 -36.36 6.80 23.98
C VAL D 196 -35.33 5.74 23.65
N GLY D 197 -34.52 6.01 22.64
CA GLY D 197 -33.44 5.13 22.22
C GLY D 197 -33.56 4.74 20.76
N THR D 198 -32.53 4.04 20.30
CA THR D 198 -32.46 3.54 18.93
C THR D 198 -33.05 2.14 18.90
N THR D 199 -34.07 1.95 18.05
CA THR D 199 -34.91 0.76 18.12
C THR D 199 -34.11 -0.52 17.92
N ALA D 200 -33.16 -0.51 16.97
CA ALA D 200 -32.41 -1.71 16.66
C ALA D 200 -31.59 -2.23 17.83
N TYR D 201 -31.34 -1.39 18.85
CA TYR D 201 -30.54 -1.79 19.99
C TYR D 201 -31.36 -2.10 21.23
N MET D 202 -32.66 -1.84 21.21
CA MET D 202 -33.44 -1.81 22.44
C MET D 202 -34.00 -3.19 22.80
N ALA D 203 -33.98 -3.49 24.10
CA ALA D 203 -34.63 -4.68 24.62
C ALA D 203 -36.15 -4.57 24.46
N PRO D 204 -36.85 -5.71 24.32
CA PRO D 204 -38.31 -5.63 24.19
C PRO D 204 -38.97 -4.89 25.33
N GLU D 205 -38.53 -5.09 26.57
CA GLU D 205 -39.16 -4.40 27.70
C GLU D 205 -38.91 -2.90 27.64
N ALA D 206 -37.77 -2.47 27.10
CA ALA D 206 -37.53 -1.04 26.93
C ALA D 206 -38.47 -0.45 25.90
N LEU D 207 -38.72 -1.18 24.81
CA LEU D 207 -39.70 -0.74 23.83
C LEU D 207 -41.13 -0.75 24.40
N ARG D 208 -41.36 -1.46 25.51
CA ARG D 208 -42.65 -1.44 26.19
C ARG D 208 -42.73 -0.37 27.26
N GLY D 209 -41.63 0.32 27.55
CA GLY D 209 -41.61 1.40 28.51
C GLY D 209 -40.88 1.10 29.80
N GLU D 210 -40.42 -0.14 30.02
CA GLU D 210 -39.74 -0.47 31.25
C GLU D 210 -38.38 0.21 31.34
N ILE D 211 -38.03 0.66 32.53
CA ILE D 211 -36.73 1.28 32.81
C ILE D 211 -35.98 0.32 33.72
N THR D 212 -34.89 -0.27 33.22
CA THR D 212 -34.18 -1.27 33.99
C THR D 212 -32.76 -1.41 33.47
N PRO D 213 -31.77 -1.66 34.34
CA PRO D 213 -30.41 -1.91 33.84
C PRO D 213 -30.32 -3.15 32.96
N LYS D 214 -31.28 -4.09 33.07
CA LYS D 214 -31.24 -5.28 32.24
C LYS D 214 -31.35 -4.95 30.76
N SER D 215 -31.96 -3.80 30.42
CA SER D 215 -32.04 -3.39 29.02
C SER D 215 -30.67 -2.97 28.49
N ASP D 216 -29.86 -2.32 29.33
CA ASP D 216 -28.49 -1.99 28.93
C ASP D 216 -27.73 -3.24 28.51
N ILE D 217 -27.94 -4.34 29.22
CA ILE D 217 -27.27 -5.60 28.90
C ILE D 217 -27.67 -6.07 27.50
N TYR D 218 -28.97 -6.00 27.20
CA TYR D 218 -29.44 -6.43 25.89
C TYR D 218 -28.83 -5.59 24.77
N SER D 219 -28.80 -4.27 24.96
CA SER D 219 -28.22 -3.39 23.94
C SER D 219 -26.74 -3.69 23.76
N PHE D 220 -26.03 -3.98 24.85
CA PHE D 220 -24.63 -4.34 24.73
C PHE D 220 -24.46 -5.62 23.93
N GLY D 221 -25.39 -6.57 24.08
CA GLY D 221 -25.36 -7.77 23.27
C GLY D 221 -25.43 -7.49 21.78
N VAL D 222 -26.24 -6.51 21.40
CA VAL D 222 -26.30 -6.09 19.99
C VAL D 222 -24.95 -5.53 19.56
N VAL D 223 -24.32 -4.73 20.42
CA VAL D 223 -23.00 -4.19 20.12
C VAL D 223 -21.99 -5.30 19.91
N LEU D 224 -22.08 -6.36 20.72
CA LEU D 224 -21.17 -7.49 20.54
C LEU D 224 -21.38 -8.15 19.18
N LEU D 225 -22.63 -8.27 18.74
CA LEU D 225 -22.88 -8.78 17.39
C LEU D 225 -22.31 -7.88 16.32
N GLU D 226 -22.44 -6.55 16.51
CA GLU D 226 -21.81 -5.63 15.57
C GLU D 226 -20.30 -5.84 15.53
N ILE D 227 -19.69 -6.05 16.69
CA ILE D 227 -18.24 -6.23 16.76
C ILE D 227 -17.82 -7.50 16.05
N ILE D 228 -18.56 -8.60 16.24
CA ILE D 228 -18.22 -9.86 15.62
C ILE D 228 -18.41 -9.80 14.10
N THR D 229 -19.53 -9.21 13.66
CA THR D 229 -19.90 -9.30 12.25
C THR D 229 -19.45 -8.11 11.42
N GLY D 230 -19.20 -6.95 12.05
CA GLY D 230 -18.93 -5.74 11.30
C GLY D 230 -20.15 -5.11 10.66
N LEU D 231 -21.34 -5.61 10.95
CA LEU D 231 -22.57 -5.13 10.35
C LEU D 231 -23.28 -4.14 11.26
N PRO D 232 -23.91 -3.11 10.72
CA PRO D 232 -24.73 -2.22 11.55
C PRO D 232 -25.95 -2.96 12.11
N ALA D 233 -26.44 -2.45 13.24
CA ALA D 233 -27.57 -3.08 13.92
C ALA D 233 -28.81 -3.11 13.03
N VAL D 234 -28.99 -2.10 12.19
CA VAL D 234 -30.09 -2.04 11.23
C VAL D 234 -29.54 -1.60 9.88
N ASP D 235 -30.01 -2.26 8.83
CA ASP D 235 -29.71 -1.84 7.45
C ASP D 235 -30.94 -2.17 6.62
N GLU D 236 -31.67 -1.13 6.19
CA GLU D 236 -32.88 -1.35 5.41
C GLU D 236 -32.61 -1.92 4.03
N HIS D 237 -31.36 -1.88 3.56
CA HIS D 237 -30.97 -2.49 2.29
C HIS D 237 -30.26 -3.83 2.49
N ARG D 238 -30.58 -4.55 3.56
CA ARG D 238 -29.94 -5.80 3.89
C ARG D 238 -31.02 -6.84 4.24
N GLU D 239 -30.71 -8.09 3.99
CA GLU D 239 -31.55 -9.21 4.44
C GLU D 239 -30.72 -10.13 5.32
N PRO D 240 -31.01 -10.25 6.62
CA PRO D 240 -32.08 -9.58 7.36
C PRO D 240 -31.76 -8.12 7.62
N GLN D 241 -32.79 -7.29 7.84
CA GLN D 241 -32.55 -5.87 8.08
C GLN D 241 -31.97 -5.64 9.47
N LEU D 242 -32.40 -6.42 10.46
CA LEU D 242 -31.98 -6.24 11.84
C LEU D 242 -30.92 -7.28 12.18
N LEU D 243 -29.81 -6.82 12.77
CA LEU D 243 -28.69 -7.72 13.05
C LEU D 243 -29.07 -8.80 14.05
N LEU D 244 -29.87 -8.46 15.06
CA LEU D 244 -30.19 -9.45 16.09
C LEU D 244 -30.97 -10.64 15.53
N ASP D 245 -31.53 -10.50 14.32
CA ASP D 245 -32.20 -11.63 13.67
C ASP D 245 -31.24 -12.77 13.34
N ILE D 246 -29.93 -12.49 13.19
CA ILE D 246 -29.00 -13.57 12.92
C ILE D 246 -28.85 -14.50 14.11
N LYS D 247 -29.16 -14.02 15.32
CA LYS D 247 -29.12 -14.89 16.49
C LYS D 247 -30.11 -16.05 16.34
N GLU D 248 -31.34 -15.75 15.91
CA GLU D 248 -32.32 -16.81 15.70
C GLU D 248 -31.87 -17.77 14.60
N GLU D 249 -31.30 -17.25 13.52
CA GLU D 249 -30.85 -18.11 12.44
C GLU D 249 -29.77 -19.07 12.90
N ILE D 250 -28.90 -18.62 13.82
CA ILE D 250 -27.83 -19.47 14.32
C ILE D 250 -28.40 -20.58 15.22
N GLU D 251 -29.31 -20.22 16.13
CA GLU D 251 -29.92 -21.25 16.99
C GLU D 251 -30.82 -22.19 16.20
N ASP D 252 -31.58 -21.66 15.24
CA ASP D 252 -32.38 -22.55 14.37
C ASP D 252 -31.54 -23.26 13.33
N GLU D 253 -30.22 -23.08 13.44
CA GLU D 253 -29.23 -23.75 12.60
C GLU D 253 -29.44 -23.45 11.12
N GLU D 254 -30.02 -22.28 10.82
CA GLU D 254 -29.96 -21.76 9.45
C GLU D 254 -28.51 -21.52 9.03
N LYS D 255 -27.70 -21.01 9.95
CA LYS D 255 -26.29 -20.74 9.73
C LYS D 255 -25.56 -20.92 11.06
N THR D 256 -24.32 -20.45 11.14
CA THR D 256 -23.57 -20.46 12.39
C THR D 256 -22.82 -19.13 12.52
N ILE D 257 -22.21 -18.91 13.69
CA ILE D 257 -21.52 -17.65 13.92
C ILE D 257 -20.34 -17.49 12.96
N GLU D 258 -19.71 -18.60 12.57
CA GLU D 258 -18.63 -18.52 11.60
C GLU D 258 -19.11 -17.99 10.26
N ASP D 259 -20.38 -18.24 9.91
CA ASP D 259 -20.94 -17.71 8.67
C ASP D 259 -21.01 -16.19 8.66
N TYR D 260 -21.01 -15.55 9.83
CA TYR D 260 -21.23 -14.11 9.91
C TYR D 260 -20.01 -13.33 10.39
N ILE D 261 -18.87 -13.99 10.58
CA ILE D 261 -17.65 -13.30 11.00
C ILE D 261 -17.33 -12.17 10.04
N ASP D 262 -16.94 -11.02 10.58
CA ASP D 262 -16.42 -9.97 9.73
C ASP D 262 -15.26 -10.49 8.91
N LYS D 263 -15.42 -10.51 7.59
CA LYS D 263 -14.37 -10.96 6.69
C LYS D 263 -13.21 -9.99 6.61
N LYS D 264 -13.36 -8.78 7.17
CA LYS D 264 -12.31 -7.76 7.14
C LYS D 264 -11.35 -7.90 8.32
N MET D 265 -11.19 -9.11 8.85
CA MET D 265 -10.18 -9.41 9.84
C MET D 265 -9.33 -10.58 9.37
N ASN D 266 -8.10 -10.64 9.87
CA ASN D 266 -7.21 -11.76 9.61
C ASN D 266 -6.68 -12.41 10.88
N ASP D 267 -7.21 -12.03 12.06
CA ASP D 267 -6.71 -12.56 13.32
C ASP D 267 -7.82 -13.07 14.22
N ALA D 268 -9.01 -13.36 13.67
CA ALA D 268 -10.08 -13.94 14.45
C ALA D 268 -9.86 -15.45 14.54
N ASP D 269 -9.93 -15.98 15.75
CA ASP D 269 -9.86 -17.41 15.98
C ASP D 269 -11.22 -17.88 16.49
N SER D 270 -11.56 -19.13 16.16
CA SER D 270 -12.89 -19.63 16.48
C SER D 270 -13.15 -19.60 17.98
N THR D 271 -12.14 -19.96 18.79
CA THR D 271 -12.36 -20.10 20.23
C THR D 271 -12.86 -18.80 20.84
N SER D 272 -12.17 -17.69 20.61
CA SER D 272 -12.56 -16.44 21.25
C SER D 272 -13.82 -15.85 20.61
N VAL D 273 -14.02 -16.09 19.31
CA VAL D 273 -15.22 -15.58 18.65
C VAL D 273 -16.47 -16.24 19.21
N GLU D 274 -16.45 -17.58 19.33
CA GLU D 274 -17.57 -18.26 19.97
C GLU D 274 -17.74 -17.85 21.42
N ALA D 275 -16.64 -17.51 22.10
CA ALA D 275 -16.74 -17.04 23.48
C ALA D 275 -17.49 -15.71 23.55
N MET D 276 -17.13 -14.77 22.68
CA MET D 276 -17.83 -13.49 22.67
C MET D 276 -19.27 -13.64 22.19
N TYR D 277 -19.50 -14.54 21.22
CA TYR D 277 -20.86 -14.76 20.76
C TYR D 277 -21.71 -15.38 21.85
N SER D 278 -21.12 -16.25 22.67
CA SER D 278 -21.83 -16.83 23.80
C SER D 278 -22.27 -15.75 24.78
N VAL D 279 -21.40 -14.78 25.04
CA VAL D 279 -21.78 -13.65 25.89
C VAL D 279 -22.92 -12.87 25.24
N ALA D 280 -22.80 -12.60 23.93
CA ALA D 280 -23.82 -11.83 23.23
C ALA D 280 -25.16 -12.56 23.24
N SER D 281 -25.14 -13.88 23.02
CA SER D 281 -26.39 -14.65 23.05
C SER D 281 -27.07 -14.55 24.41
N GLN D 282 -26.29 -14.66 25.48
CA GLN D 282 -26.84 -14.52 26.83
C GLN D 282 -27.42 -13.12 27.05
N CYS D 283 -26.71 -12.09 26.60
CA CYS D 283 -27.21 -10.73 26.72
C CYS D 283 -28.52 -10.53 25.95
N LEU D 284 -28.70 -11.27 24.85
CA LEU D 284 -29.86 -11.06 23.98
C LEU D 284 -31.04 -11.95 24.34
N HIS D 285 -31.02 -12.57 25.53
CA HIS D 285 -32.21 -13.24 26.04
C HIS D 285 -33.40 -12.29 26.00
N GLU D 286 -34.49 -12.72 25.39
CA GLU D 286 -35.62 -11.82 25.27
C GLU D 286 -36.29 -11.56 26.62
N LYS D 287 -36.25 -12.55 27.52
CA LYS D 287 -36.73 -12.37 28.89
C LYS D 287 -35.64 -11.71 29.73
N LYS D 288 -35.94 -10.53 30.26
CA LYS D 288 -34.91 -9.73 30.97
C LYS D 288 -34.24 -10.49 32.11
N ASN D 289 -34.99 -11.31 32.84
CA ASN D 289 -34.42 -11.90 34.04
C ASN D 289 -33.48 -13.07 33.73
N LYS D 290 -33.44 -13.55 32.49
CA LYS D 290 -32.51 -14.61 32.11
C LYS D 290 -31.18 -14.06 31.62
N ARG D 291 -31.05 -12.74 31.46
CA ARG D 291 -29.79 -12.15 31.03
C ARG D 291 -28.80 -12.09 32.20
N PRO D 292 -27.51 -12.19 31.92
CA PRO D 292 -26.50 -11.93 32.95
C PRO D 292 -26.50 -10.46 33.34
N ASP D 293 -26.05 -10.18 34.56
CA ASP D 293 -25.79 -8.79 34.91
C ASP D 293 -24.43 -8.37 34.35
N ILE D 294 -24.16 -7.07 34.43
CA ILE D 294 -22.95 -6.53 33.79
C ILE D 294 -21.69 -7.09 34.43
N LYS D 295 -21.73 -7.41 35.73
CA LYS D 295 -20.56 -8.02 36.36
C LYS D 295 -20.24 -9.38 35.74
N LYS D 296 -21.27 -10.19 35.49
CA LYS D 296 -21.05 -11.48 34.84
C LYS D 296 -20.58 -11.30 33.40
N VAL D 297 -21.16 -10.35 32.68
CA VAL D 297 -20.69 -10.03 31.33
C VAL D 297 -19.22 -9.64 31.36
N GLN D 298 -18.85 -8.80 32.32
CA GLN D 298 -17.46 -8.37 32.47
C GLN D 298 -16.53 -9.56 32.70
N GLN D 299 -16.95 -10.50 33.56
CA GLN D 299 -16.11 -11.66 33.86
C GLN D 299 -15.98 -12.57 32.65
N LEU D 300 -17.07 -12.80 31.91
CA LEU D 300 -16.99 -13.68 30.76
C LEU D 300 -16.10 -13.10 29.66
N LEU D 301 -16.19 -11.79 29.43
CA LEU D 301 -15.33 -11.16 28.44
C LEU D 301 -13.86 -11.20 28.90
N GLN D 302 -13.63 -11.01 30.20
CA GLN D 302 -12.27 -11.11 30.73
C GLN D 302 -11.75 -12.53 30.62
N GLU D 303 -12.60 -13.53 30.86
CA GLU D 303 -12.19 -14.92 30.67
C GLU D 303 -11.94 -15.25 29.21
N MET D 304 -12.50 -14.46 28.30
CA MET D 304 -12.27 -14.68 26.87
C MET D 304 -10.80 -14.53 26.49
N THR D 305 -10.07 -13.64 27.16
CA THR D 305 -8.67 -13.38 26.83
C THR D 305 -7.74 -13.70 28.00
N ALA D 306 -8.20 -14.45 28.98
CA ALA D 306 -7.38 -14.78 30.14
C ALA D 306 -6.22 -15.71 29.77
C13 X1T E . 11.05 6.14 -27.91
C15 X1T E . 13.09 6.63 -29.04
C12 X1T E . 11.46 6.99 -26.91
C16 X1T E . 13.44 7.47 -28.00
C1 X1T E . 10.12 8.52 -20.71
C10 X1T E . 10.83 7.97 -23.34
C11 X1T E . 10.59 7.22 -25.72
C14 X1T E . 11.89 5.95 -28.99
C17 X1T E . 14.72 8.24 -27.99
C18 X1T E . 11.73 8.62 -22.49
C19 X1T E . 13.98 9.37 -22.18
C2 X1T E . 8.29 8.13 -19.61
C20 X1T E . 15.10 9.86 -23.04
C21 X1T E . 11.39 8.90 -21.18
C3 X1T E . 7.34 8.13 -18.46
C4 X1T E . 7.93 7.44 -17.22
C5 X1T E . 7.95 5.92 -17.32
C6 X1T E . 6.94 6.39 -15.32
C7 X1T E . 7.16 7.73 -15.92
C8 X1T E . 8.10 7.64 -20.86
C9 X1T E . 9.58 7.60 -22.87
F1 X1T E . 14.59 9.42 -28.57
F2 X1T E . 15.68 7.61 -28.63
N1 X1T E . 9.25 7.88 -21.57
N2 X1T E . 9.56 8.67 -19.52
N3 X1T E . 11.26 7.73 -24.65
N4 X1T E . 12.63 7.65 -26.95
O1 X1T E . 7.79 5.46 -15.99
O2 X1T E . 9.39 6.95 -25.74
O3 X1T E . 12.94 8.94 -23.05
C13 X1T F . 6.24 -5.50 15.78
C15 X1T F . 7.70 -4.96 17.58
C12 X1T F . 7.35 -5.86 15.05
C16 X1T F . 8.77 -5.34 16.79
C1 X1T F . 9.21 -7.04 8.91
C10 X1T F . 8.59 -6.55 11.57
C11 X1T F . 7.21 -6.36 13.65
C14 X1T F . 6.42 -5.04 17.07
C17 X1T F . 10.18 -5.28 17.29
C18 X1T F . 9.91 -6.49 11.14
C19 X1T F . 12.15 -5.86 11.69
C2 X1T F . 7.95 -7.56 7.22
C20 X1T F . 13.00 -5.79 12.92
C21 X1T F . 10.24 -6.73 9.81
C3 X1T F . 7.61 -7.91 5.81
C4 X1T F . 8.09 -6.86 4.81
C5 X1T F . 7.24 -5.60 4.78
C6 X1T F . 7.38 -6.27 2.61
C7 X1T F . 8.09 -7.35 3.34
C8 X1T F . 7.12 -7.41 8.28
C9 X1T F . 7.58 -6.84 10.68
F1 X1T F . 10.55 -6.41 17.88
F2 X1T F . 10.37 -4.32 18.17
N1 X1T F . 7.90 -7.09 9.37
N2 X1T F . 9.26 -7.31 7.61
N3 X1T F . 8.35 -6.28 12.94
N4 X1T F . 8.60 -5.78 15.55
O1 X1T F . 7.30 -5.12 3.45
O2 X1T F . 6.14 -6.79 13.23
O3 X1T F . 10.82 -6.18 12.11
C13 X1T G . -1.72 -14.42 -10.71
C15 X1T G . -3.06 -15.44 -12.39
C12 X1T G . -2.62 -14.88 -9.78
C16 X1T G . -3.92 -15.88 -11.40
C1 X1T G . -4.42 -13.81 -3.61
C10 X1T G . -3.80 -14.39 -6.25
C11 X1T G . -2.43 -14.59 -8.32
C14 X1T G . -1.95 -14.70 -12.04
C17 X1T G . -5.14 -16.69 -11.71
C18 X1T G . -5.07 -14.67 -5.75
C19 X1T G . -7.32 -15.32 -6.26
C2 X1T G . -3.22 -12.94 -2.01
C20 X1T G . -8.04 -16.01 -7.36
C21 X1T G . -5.40 -14.39 -4.44
C3 X1T G . -2.89 -12.43 -0.65
C4 X1T G . -3.88 -11.38 -0.15
C5 X1T G . -3.69 -10.00 -0.77
C6 X1T G . -4.14 -9.67 1.49
C7 X1T G . -3.73 -11.09 1.37
C8 X1T G . -2.42 -12.98 -3.11
C9 X1T G . -2.84 -13.82 -5.43
F1 X1T G . -4.92 -17.98 -11.61
F2 X1T G . -5.57 -16.49 -12.94
N1 X1T G . -3.16 -13.54 -4.13
N2 X1T G . -4.46 -13.45 -2.33
N3 X1T G . -3.56 -14.72 -7.60
N4 X1T G . -3.70 -15.60 -10.11
O1 X1T G . -4.10 -9.05 0.21
O2 X1T G . -1.33 -14.27 -7.89
O3 X1T G . -5.94 -15.24 -6.63
C13 X1T H . -15.84 13.03 22.59
C15 X1T H . -18.02 13.11 23.54
C12 X1T H . -16.44 13.09 21.35
C16 X1T H . -18.55 13.17 22.26
C1 X1T H . -15.09 11.99 15.06
C10 X1T H . -15.83 12.47 17.70
C11 X1T H . -15.59 13.06 20.11
C14 X1T H . -16.65 13.05 23.71
C17 X1T H . -20.02 13.25 22.01
C18 X1T H . -16.80 12.23 16.72
C19 X1T H . -19.12 11.77 16.30
C2 X1T H . -13.14 11.91 14.10
C20 X1T H . -20.43 12.10 16.94
C21 X1T H . -16.46 11.98 15.41
C3 X1T H . -12.15 11.77 13.01
C4 X1T H . -12.27 10.42 12.30
C5 X1T H . -11.68 9.26 13.09
C6 X1T H . -10.72 9.11 11.03
C7 X1T H . -11.52 10.36 10.94
C8 X1T H . -12.92 12.18 15.43
C9 X1T H . -14.49 12.47 17.35
F1 X1T H . -20.45 14.49 21.95
F2 X1T H . -20.73 12.66 22.96
N1 X1T H . -14.15 12.23 16.05
N2 X1T H . -14.50 11.79 13.89
N3 X1T H . -16.28 12.71 19.00
N4 X1T H . -17.77 13.16 21.18
O1 X1T H . -11.19 8.34 12.12
O2 X1T H . -14.41 13.35 20.15
O3 X1T H . -18.10 12.25 17.18
#